data_5A1L
#
_entry.id   5A1L
#
_cell.length_a   90.711
_cell.length_b   110.500
_cell.length_c   119.460
_cell.angle_alpha   90.00
_cell.angle_beta   90.00
_cell.angle_gamma   90.00
#
_symmetry.space_group_name_H-M   'P 21 21 21'
#
loop_
_entity.id
_entity.type
_entity.pdbx_description
1 polymer 'UBIQUITOUSLY TRANSCRIBED TETRATRICOPEPTIDE REPEAT PROTEIN Y-LINKED TRANSCRIPT VARIANT 57'
2 non-polymer 'FE (II) ION'
3 non-polymer 3-[[2-pyridin-2-yl-6-(1,2,4,5-tetrahydro-3-benzazepin-3-yl)pyrimidin-4-yl]amino]propan-1-ol
4 non-polymer 1,2-ETHANEDIOL
5 non-polymer 'ZINC ION'
6 water water
#
_entity_poly.entity_id   1
_entity_poly.type   'polypeptide(L)'
_entity_poly.pdbx_seq_one_letter_code
;MLPKDKLNPPTPSIYLENKRDAFFPPLHQFCTNPKNPVTVIRGLAGALKLDLGLFSTKTLVEANNEHMVEVRTQLLQPAD
ENWDPTGTKKIWRCESNRSHTTIAKYAQYQASSFQESLREENEKRTQHKDHSDNESTSSENSGRRRKGPFKTIKFGTNID
LSDNKKWKLQLHELTKLPAFARVVSAGNLLTHVGHTILGMNTVQLYMKVPGSRTPGHQENNNFCSVNINIGPGDCEWFVV
PEDYWGVLNDFCEKNNLNFLMSSWWPNLEDLYEANVPVYRFIQRPGDLVWINAGTVHWVQAVGWCNNIAWNVGPLTACQY
KLAVERYEWNKLKSVKSPVPMVHLSWNMARNIKVSDPKLFEMIKYCLLKILKQYQTLREALVAAGKEVIWHGRTNDEPAH
YCSICEVEVFNLLFVTNESNTQKTYIVHCHDCARKTSKSLENFVVLEQYKMEDLIQVYDQFTLALSLSSSSAENLYFQ
;
_entity_poly.pdbx_strand_id   A,B
#
# COMPACT_ATOMS: atom_id res chain seq x y z
N LYS A 4 -1.46 -4.10 39.73
CA LYS A 4 -2.66 -3.54 39.02
C LYS A 4 -3.23 -4.54 38.02
N ASP A 5 -4.51 -4.33 37.67
CA ASP A 5 -5.18 -4.96 36.49
C ASP A 5 -4.49 -4.59 35.17
N LYS A 6 -3.94 -3.37 35.14
CA LYS A 6 -3.18 -2.87 34.02
C LYS A 6 -1.86 -3.61 33.73
N LEU A 7 -1.37 -4.45 34.65
CA LEU A 7 -0.11 -5.17 34.42
C LEU A 7 -0.24 -6.50 33.67
N ASN A 8 -1.47 -6.89 33.34
CA ASN A 8 -1.74 -8.07 32.50
C ASN A 8 -2.76 -7.71 31.43
N PRO A 9 -2.40 -6.77 30.53
CA PRO A 9 -3.35 -6.24 29.57
C PRO A 9 -3.76 -7.26 28.51
N PRO A 10 -4.92 -7.07 27.88
CA PRO A 10 -5.30 -7.95 26.79
C PRO A 10 -4.40 -7.81 25.57
N THR A 11 -4.32 -8.88 24.79
CA THR A 11 -3.48 -8.92 23.61
C THR A 11 -4.22 -8.29 22.45
N PRO A 12 -3.63 -7.27 21.79
CA PRO A 12 -4.24 -6.76 20.57
C PRO A 12 -4.31 -7.87 19.52
N SER A 13 -5.54 -8.19 19.10
CA SER A 13 -5.82 -9.36 18.30
C SER A 13 -6.80 -9.00 17.19
N ILE A 14 -6.50 -9.51 15.99
CA ILE A 14 -7.37 -9.41 14.83
C ILE A 14 -7.78 -10.83 14.44
N TYR A 15 -9.05 -11.01 14.15
CA TYR A 15 -9.61 -12.31 13.87
C TYR A 15 -9.98 -12.35 12.36
N LEU A 16 -9.22 -13.06 11.53
CA LEU A 16 -9.46 -13.02 10.07
C LEU A 16 -10.25 -14.23 9.63
N GLU A 17 -11.26 -14.00 8.78
CA GLU A 17 -12.06 -15.10 8.21
C GLU A 17 -11.80 -15.35 6.71
N ASN A 18 -11.41 -14.32 5.97
CA ASN A 18 -11.27 -14.44 4.52
C ASN A 18 -10.28 -13.44 3.97
N LYS A 19 -10.04 -13.52 2.68
CA LYS A 19 -9.07 -12.65 2.02
C LYS A 19 -9.40 -11.18 2.15
N ARG A 20 -10.69 -10.84 2.14
CA ARG A 20 -11.10 -9.45 2.27
C ARG A 20 -10.58 -8.84 3.55
N ASP A 21 -10.74 -9.58 4.65
CA ASP A 21 -10.23 -9.17 5.96
C ASP A 21 -8.72 -9.01 5.91
N ALA A 22 -8.03 -9.91 5.21
CA ALA A 22 -6.57 -9.85 5.11
C ALA A 22 -6.05 -8.64 4.36
N PHE A 23 -6.68 -8.29 3.25
CA PHE A 23 -6.24 -7.16 2.42
C PHE A 23 -6.86 -5.83 2.83
N PHE A 24 -7.60 -5.83 3.94
CA PHE A 24 -8.27 -4.63 4.43
C PHE A 24 -7.22 -3.63 4.97
N PRO A 25 -7.15 -2.40 4.40
CA PRO A 25 -6.11 -1.44 4.83
C PRO A 25 -6.01 -1.12 6.33
N PRO A 26 -7.13 -0.96 7.05
CA PRO A 26 -6.97 -0.77 8.51
C PRO A 26 -6.20 -1.89 9.29
N LEU A 27 -5.94 -3.04 8.67
CA LEU A 27 -5.12 -4.09 9.29
C LEU A 27 -3.68 -3.63 9.51
N HIS A 28 -3.01 -3.14 8.46
CA HIS A 28 -1.60 -2.71 8.62
C HIS A 28 -1.47 -1.48 9.51
N GLN A 29 -2.49 -0.62 9.51
CA GLN A 29 -2.53 0.52 10.42
C GLN A 29 -2.58 0.07 11.86
N PHE A 30 -3.39 -0.95 12.13
CA PHE A 30 -3.46 -1.51 13.46
C PHE A 30 -2.09 -2.10 13.90
N CYS A 31 -1.50 -2.94 13.05
CA CYS A 31 -0.19 -3.51 13.36
C CYS A 31 0.90 -2.50 13.64
N THR A 32 0.98 -1.45 12.83
CA THR A 32 2.10 -0.50 12.95
C THR A 32 1.82 0.61 13.96
N ASN A 33 0.62 0.64 14.53
CA ASN A 33 0.27 1.61 15.56
C ASN A 33 1.14 1.44 16.80
N PRO A 34 1.92 2.47 17.19
CA PRO A 34 2.80 2.31 18.35
C PRO A 34 2.11 1.97 19.67
N LYS A 35 0.81 2.24 19.80
CA LYS A 35 0.06 1.77 21.00
C LYS A 35 -0.04 0.22 21.11
N ASN A 36 0.13 -0.49 20.00
CA ASN A 36 0.04 -1.96 19.99
C ASN A 36 1.45 -2.57 19.92
N PRO A 37 2.02 -2.95 21.07
CA PRO A 37 3.37 -3.53 21.07
C PRO A 37 3.45 -4.86 20.29
N VAL A 38 2.37 -5.61 20.26
CA VAL A 38 2.25 -6.82 19.49
C VAL A 38 0.83 -6.90 18.96
N THR A 39 0.68 -7.47 17.76
CA THR A 39 -0.62 -7.81 17.23
C THR A 39 -0.58 -9.30 16.86
N VAL A 40 -1.60 -10.04 17.29
CA VAL A 40 -1.80 -11.42 16.87
C VAL A 40 -2.92 -11.46 15.85
N ILE A 41 -2.58 -11.87 14.63
CA ILE A 41 -3.53 -11.98 13.53
C ILE A 41 -3.93 -13.43 13.43
N ARG A 42 -5.09 -13.70 14.00
CA ARG A 42 -5.60 -15.04 14.13
C ARG A 42 -6.30 -15.46 12.86
N GLY A 43 -6.03 -16.70 12.47
CA GLY A 43 -6.66 -17.30 11.34
C GLY A 43 -6.07 -16.89 10.03
N LEU A 44 -4.86 -16.32 10.08
CA LEU A 44 -4.25 -15.72 8.90
C LEU A 44 -4.04 -16.76 7.81
N ALA A 45 -3.50 -17.90 8.16
CA ALA A 45 -3.19 -18.93 7.13
C ALA A 45 -4.44 -19.44 6.42
N GLY A 46 -5.47 -19.69 7.22
CA GLY A 46 -6.77 -20.17 6.76
C GLY A 46 -7.50 -19.14 5.92
N ALA A 47 -7.49 -17.88 6.34
CA ALA A 47 -8.05 -16.78 5.54
C ALA A 47 -7.42 -16.64 4.15
N LEU A 48 -6.11 -16.86 4.04
CA LEU A 48 -5.43 -16.76 2.75
C LEU A 48 -5.33 -18.08 1.98
N LYS A 49 -5.81 -19.18 2.56
CA LYS A 49 -5.49 -20.54 2.07
C LYS A 49 -3.98 -20.75 1.85
N LEU A 50 -3.16 -20.28 2.79
CA LEU A 50 -1.71 -20.58 2.76
C LEU A 50 -1.50 -22.05 3.06
N ASP A 51 -0.67 -22.71 2.26
CA ASP A 51 -0.34 -24.10 2.50
C ASP A 51 0.83 -24.19 3.49
N LEU A 52 0.52 -24.32 4.77
CA LEU A 52 1.55 -24.43 5.82
C LEU A 52 2.35 -25.74 5.73
N GLY A 53 1.75 -26.77 5.12
CA GLY A 53 2.43 -28.04 4.80
C GLY A 53 3.74 -27.92 4.03
N LEU A 54 3.92 -26.85 3.28
CA LEU A 54 5.18 -26.56 2.63
C LEU A 54 6.34 -26.33 3.61
N PHE A 55 6.03 -25.96 4.85
CA PHE A 55 6.99 -25.82 5.94
C PHE A 55 6.91 -26.91 7.01
N SER A 56 6.15 -27.98 6.76
CA SER A 56 6.13 -29.13 7.66
C SER A 56 7.52 -29.77 7.62
N THR A 57 7.86 -30.43 8.72
CA THR A 57 9.15 -31.09 8.89
C THR A 57 9.37 -32.13 7.75
N LYS A 58 8.35 -32.95 7.49
CA LYS A 58 8.38 -33.93 6.39
C LYS A 58 8.71 -33.30 5.03
N THR A 59 8.08 -32.18 4.71
CA THR A 59 8.37 -31.47 3.47
C THR A 59 9.79 -30.88 3.45
N LEU A 60 10.26 -30.36 4.58
CA LEU A 60 11.61 -29.78 4.63
C LEU A 60 12.67 -30.87 4.41
N VAL A 61 12.47 -32.04 4.99
CA VAL A 61 13.42 -33.15 4.85
C VAL A 61 13.49 -33.58 3.37
N GLU A 62 12.33 -33.81 2.77
CA GLU A 62 12.24 -34.08 1.33
C GLU A 62 12.98 -33.03 0.50
N ALA A 63 12.76 -31.76 0.83
CA ALA A 63 13.33 -30.65 0.08
C ALA A 63 14.86 -30.49 0.16
N ASN A 64 15.41 -30.48 1.38
CA ASN A 64 16.83 -30.16 1.61
C ASN A 64 17.31 -30.83 2.88
N ASN A 65 17.54 -32.13 2.79
CA ASN A 65 17.74 -32.93 3.97
C ASN A 65 19.06 -32.66 4.70
N GLU A 66 20.09 -32.18 3.98
CA GLU A 66 21.40 -31.88 4.57
C GLU A 66 21.56 -30.42 4.93
N HIS A 67 20.46 -29.67 4.93
CA HIS A 67 20.50 -28.27 5.20
C HIS A 67 20.86 -28.03 6.67
N MET A 68 21.70 -27.04 6.91
CA MET A 68 22.22 -26.75 8.24
C MET A 68 21.16 -26.24 9.21
N VAL A 69 21.28 -26.70 10.45
CA VAL A 69 20.44 -26.31 11.57
C VAL A 69 21.34 -25.94 12.74
N GLU A 70 21.14 -24.77 13.35
CA GLU A 70 21.80 -24.41 14.59
C GLU A 70 21.03 -24.95 15.79
N VAL A 71 21.62 -25.89 16.50
CA VAL A 71 20.98 -26.53 17.64
C VAL A 71 21.35 -25.75 18.87
N ARG A 72 20.34 -25.42 19.65
CA ARG A 72 20.53 -24.90 20.98
C ARG A 72 20.05 -25.96 21.98
N THR A 73 20.97 -26.42 22.82
CA THR A 73 20.65 -27.39 23.87
C THR A 73 20.25 -26.64 25.15
N GLN A 74 19.09 -26.96 25.70
CA GLN A 74 18.49 -26.18 26.80
C GLN A 74 17.90 -27.13 27.81
N LEU A 75 17.59 -26.59 28.97
CA LEU A 75 16.85 -27.34 30.01
C LEU A 75 15.36 -27.14 29.84
N LEU A 76 14.59 -28.20 30.09
CA LEU A 76 13.13 -28.12 30.04
C LEU A 76 12.61 -27.53 31.35
N GLN A 77 12.25 -26.24 31.32
CA GLN A 77 11.87 -25.52 32.53
C GLN A 77 10.36 -25.60 32.76
N PRO A 78 9.92 -25.47 34.02
CA PRO A 78 8.48 -25.60 34.27
C PRO A 78 7.66 -24.33 33.93
N ALA A 79 6.57 -24.48 33.19
CA ALA A 79 5.63 -23.38 32.95
C ALA A 79 6.33 -22.09 32.44
N ASP A 80 6.23 -20.98 33.17
CA ASP A 80 6.73 -19.68 32.72
C ASP A 80 7.96 -19.23 33.51
N GLU A 81 8.56 -20.15 34.25
CA GLU A 81 9.62 -19.86 35.20
C GLU A 81 10.97 -20.29 34.66
N ASN A 82 12.03 -19.78 35.27
CA ASN A 82 13.39 -20.20 35.00
C ASN A 82 14.15 -20.40 36.33
N TRP A 83 14.52 -21.64 36.61
CA TRP A 83 15.21 -21.99 37.87
C TRP A 83 16.67 -22.21 37.60
N ASP A 84 17.50 -21.90 38.59
CA ASP A 84 18.94 -22.19 38.52
C ASP A 84 19.17 -23.72 38.44
N PRO A 85 20.39 -24.17 38.06
CA PRO A 85 20.66 -25.62 37.96
C PRO A 85 20.19 -26.46 39.15
N THR A 86 20.45 -25.96 40.37
CA THR A 86 20.15 -26.69 41.62
C THR A 86 18.65 -26.80 41.92
N GLY A 87 17.86 -25.87 41.39
CA GLY A 87 16.42 -25.87 41.62
C GLY A 87 16.01 -25.18 42.90
N THR A 88 16.87 -24.32 43.44
CA THR A 88 16.59 -23.61 44.70
C THR A 88 16.09 -22.17 44.50
N LYS A 89 16.52 -21.48 43.43
CA LYS A 89 16.05 -20.12 43.17
C LYS A 89 15.71 -19.85 41.70
N LYS A 90 14.72 -18.99 41.49
CA LYS A 90 14.42 -18.50 40.16
C LYS A 90 15.44 -17.43 39.79
N ILE A 91 16.05 -17.57 38.61
CA ILE A 91 17.01 -16.59 38.11
C ILE A 91 16.69 -16.20 36.66
N TRP A 92 17.21 -15.04 36.23
CA TRP A 92 17.06 -14.59 34.85
C TRP A 92 17.96 -15.35 33.87
N ARG A 93 19.20 -15.61 34.24
CA ARG A 93 20.14 -16.24 33.32
C ARG A 93 19.64 -17.62 32.88
N CYS A 94 19.74 -17.90 31.58
CA CYS A 94 19.49 -19.24 31.08
C CYS A 94 20.68 -19.70 30.22
N GLU A 95 21.05 -20.95 30.40
CA GLU A 95 22.25 -21.50 29.78
C GLU A 95 21.83 -22.19 28.49
N SER A 96 22.62 -22.03 27.45
CA SER A 96 22.39 -22.76 26.21
C SER A 96 23.61 -22.92 25.29
N ASN A 97 24.05 -24.16 25.13
CA ASN A 97 25.13 -24.49 24.20
C ASN A 97 24.66 -24.68 22.76
N ARG A 98 25.51 -24.26 21.84
CA ARG A 98 25.22 -24.28 20.42
C ARG A 98 26.03 -25.35 19.71
N SER A 99 25.38 -26.07 18.82
CA SER A 99 26.05 -27.01 17.93
C SER A 99 25.33 -26.95 16.60
N HIS A 100 25.74 -27.78 15.64
CA HIS A 100 25.11 -27.84 14.33
C HIS A 100 24.61 -29.24 14.05
N THR A 101 23.52 -29.33 13.31
CA THR A 101 23.09 -30.58 12.73
C THR A 101 22.45 -30.28 11.40
N THR A 102 21.75 -31.24 10.82
CA THR A 102 21.05 -31.05 9.57
C THR A 102 19.56 -31.18 9.79
N ILE A 103 18.76 -30.70 8.84
CA ILE A 103 17.31 -30.86 8.89
C ILE A 103 16.93 -32.33 9.13
N ALA A 104 17.57 -33.26 8.40
CA ALA A 104 17.26 -34.69 8.52
C ALA A 104 17.47 -35.19 9.92
N LYS A 105 18.61 -34.85 10.51
CA LYS A 105 18.90 -35.31 11.86
C LYS A 105 17.98 -34.67 12.89
N TYR A 106 17.74 -33.36 12.77
CA TYR A 106 16.86 -32.70 13.75
C TYR A 106 15.45 -33.26 13.62
N ALA A 107 14.98 -33.49 12.40
CA ALA A 107 13.67 -34.11 12.15
C ALA A 107 13.48 -35.42 12.92
N GLN A 108 14.53 -36.27 12.92
CA GLN A 108 14.52 -37.52 13.67
C GLN A 108 14.31 -37.29 15.14
N TYR A 109 15.06 -36.35 15.68
CA TYR A 109 14.90 -35.96 17.08
C TYR A 109 13.49 -35.42 17.40
N GLN A 110 12.98 -34.53 16.55
CA GLN A 110 11.65 -33.93 16.75
C GLN A 110 10.58 -35.02 16.75
N ALA A 111 10.63 -35.91 15.75
CA ALA A 111 9.70 -37.04 15.67
C ALA A 111 9.84 -38.00 16.86
N SER A 112 11.07 -38.38 17.23
CA SER A 112 11.23 -39.36 18.30
C SER A 112 10.88 -38.77 19.67
N SER A 113 11.14 -37.48 19.84
CA SER A 113 10.70 -36.76 21.04
C SER A 113 9.18 -36.89 21.26
N PHE A 114 8.42 -36.74 20.20
CA PHE A 114 6.96 -36.88 20.27
C PHE A 114 6.57 -38.34 20.56
N GLN A 115 7.16 -39.29 19.84
CA GLN A 115 6.85 -40.71 20.13
C GLN A 115 7.11 -41.06 21.60
N GLU A 116 8.25 -40.64 22.09
CA GLU A 116 8.65 -40.89 23.48
C GLU A 116 7.72 -40.27 24.53
N SER A 117 7.18 -39.10 24.26
CA SER A 117 6.23 -38.49 25.19
C SER A 117 4.91 -39.28 25.19
N LEU A 118 4.51 -39.83 24.04
CA LEU A 118 3.31 -40.65 24.00
C LEU A 118 3.49 -41.90 24.89
N ARG A 119 4.65 -42.53 24.78
CA ARG A 119 4.97 -43.71 25.59
C ARG A 119 5.00 -43.40 27.07
N GLU A 120 5.62 -42.30 27.46
CA GLU A 120 5.64 -41.87 28.86
C GLU A 120 4.23 -41.60 29.37
N GLU A 121 3.39 -40.98 28.54
CA GLU A 121 1.95 -40.76 28.79
C GLU A 121 1.14 -42.08 28.96
N ASN A 122 1.74 -43.22 28.61
CA ASN A 122 1.17 -44.55 28.78
C ASN A 122 1.96 -45.47 29.72
N GLU A 123 2.83 -44.90 30.56
CA GLU A 123 3.63 -45.69 31.51
C GLU A 123 3.03 -45.49 32.90
N LYS A 147 11.35 -26.72 40.96
CA LYS A 147 12.44 -27.43 41.65
C LYS A 147 12.97 -28.60 40.80
N GLY A 148 14.28 -28.87 40.91
CA GLY A 148 14.97 -29.74 39.95
C GLY A 148 14.72 -31.24 40.09
N PRO A 149 15.45 -32.07 39.30
CA PRO A 149 16.37 -31.74 38.22
C PRO A 149 15.69 -31.77 36.85
N PHE A 150 16.26 -31.08 35.89
CA PHE A 150 15.59 -30.85 34.61
C PHE A 150 16.17 -31.68 33.46
N LYS A 151 15.30 -32.05 32.55
CA LYS A 151 15.64 -32.74 31.32
C LYS A 151 16.32 -31.75 30.33
N THR A 152 17.09 -32.31 29.42
CA THR A 152 17.76 -31.59 28.37
C THR A 152 16.93 -31.77 27.09
N ILE A 153 16.71 -30.67 26.38
CA ILE A 153 16.04 -30.68 25.07
C ILE A 153 16.87 -29.91 24.05
N LYS A 154 16.60 -30.15 22.79
CA LYS A 154 17.29 -29.48 21.70
C LYS A 154 16.28 -28.69 20.88
N PHE A 155 16.65 -27.46 20.52
CA PHE A 155 15.82 -26.53 19.75
C PHE A 155 16.56 -26.31 18.44
N GLY A 156 15.88 -26.62 17.33
CA GLY A 156 16.44 -26.39 16.01
C GLY A 156 16.26 -24.93 15.58
N THR A 157 17.35 -24.16 15.53
CA THR A 157 17.24 -22.70 15.27
C THR A 157 17.91 -22.20 14.00
N ASN A 158 17.45 -21.02 13.55
CA ASN A 158 18.13 -20.21 12.54
C ASN A 158 18.41 -20.93 11.23
N ILE A 159 17.40 -21.63 10.74
CA ILE A 159 17.53 -22.40 9.51
C ILE A 159 17.32 -21.43 8.34
N ASP A 160 18.33 -21.31 7.49
CA ASP A 160 18.40 -20.23 6.51
C ASP A 160 17.61 -20.62 5.26
N LEU A 161 16.46 -19.98 5.08
CA LEU A 161 15.63 -20.17 3.88
C LEU A 161 15.82 -19.06 2.80
N SER A 162 17.04 -18.54 2.67
CA SER A 162 17.30 -17.45 1.69
C SER A 162 17.43 -17.93 0.25
N ASP A 163 17.88 -19.16 0.00
CA ASP A 163 18.18 -19.59 -1.37
C ASP A 163 16.89 -19.92 -2.13
N ASN A 164 16.51 -19.05 -3.07
CA ASN A 164 15.33 -19.24 -3.91
C ASN A 164 15.39 -20.50 -4.78
N LYS A 165 16.58 -20.97 -5.13
CA LYS A 165 16.72 -22.22 -5.89
C LYS A 165 16.52 -23.48 -5.05
N LYS A 166 16.57 -23.36 -3.71
CA LYS A 166 16.32 -24.49 -2.83
C LYS A 166 14.94 -24.50 -2.19
N TRP A 167 14.33 -23.34 -2.09
CA TRP A 167 13.10 -23.14 -1.35
C TRP A 167 12.05 -22.38 -2.18
N LYS A 168 12.03 -22.65 -3.48
CA LYS A 168 11.20 -21.91 -4.45
C LYS A 168 9.74 -21.87 -4.04
N LEU A 169 9.16 -23.03 -3.84
CA LEU A 169 7.74 -23.14 -3.49
C LEU A 169 7.42 -22.49 -2.13
N GLN A 170 8.35 -22.60 -1.19
CA GLN A 170 8.15 -22.07 0.15
C GLN A 170 8.11 -20.55 0.13
N LEU A 171 9.09 -19.94 -0.54
CA LEU A 171 9.14 -18.50 -0.58
C LEU A 171 8.00 -17.92 -1.43
N HIS A 172 7.60 -18.66 -2.47
CA HIS A 172 6.49 -18.22 -3.31
C HIS A 172 5.17 -18.21 -2.53
N GLU A 173 5.01 -19.14 -1.60
CA GLU A 173 3.81 -19.18 -0.79
C GLU A 173 3.64 -17.91 0.07
N LEU A 174 4.76 -17.36 0.54
CA LEU A 174 4.78 -16.16 1.36
C LEU A 174 4.50 -14.85 0.60
N THR A 175 4.56 -14.89 -0.73
CA THR A 175 4.12 -13.75 -1.57
C THR A 175 2.60 -13.57 -1.56
N LYS A 176 1.85 -14.59 -1.09
CA LYS A 176 0.41 -14.48 -0.92
C LYS A 176 0.00 -13.63 0.26
N LEU A 177 0.93 -13.26 1.13
CA LEU A 177 0.58 -12.37 2.24
C LEU A 177 0.20 -10.99 1.72
N PRO A 178 -0.57 -10.22 2.51
CA PRO A 178 -0.73 -8.81 2.19
C PRO A 178 0.61 -8.10 2.21
N ALA A 179 0.74 -7.04 1.40
CA ALA A 179 2.01 -6.40 1.10
C ALA A 179 2.81 -5.99 2.32
N PHE A 180 2.14 -5.43 3.32
CA PHE A 180 2.81 -4.89 4.51
C PHE A 180 3.58 -5.95 5.32
N ALA A 181 3.16 -7.21 5.22
CA ALA A 181 3.81 -8.33 5.93
C ALA A 181 4.78 -9.18 5.10
N ARG A 182 4.96 -8.87 3.82
CA ARG A 182 5.84 -9.67 2.95
C ARG A 182 7.31 -9.41 3.25
N VAL A 183 8.15 -10.36 2.83
CA VAL A 183 9.61 -10.23 2.95
C VAL A 183 10.13 -9.10 2.07
N VAL A 184 9.50 -8.91 0.91
CA VAL A 184 9.89 -7.93 -0.09
C VAL A 184 8.68 -7.08 -0.43
N SER A 185 8.79 -5.77 -0.30
CA SER A 185 7.71 -4.85 -0.66
C SER A 185 8.17 -3.39 -0.67
N ALA A 186 7.47 -2.58 -1.48
CA ALA A 186 7.76 -1.16 -1.64
C ALA A 186 7.70 -0.40 -0.34
N GLY A 187 6.81 -0.81 0.55
CA GLY A 187 6.65 -0.19 1.85
C GLY A 187 7.56 -0.74 2.96
N ASN A 188 8.57 -1.52 2.61
CA ASN A 188 9.48 -2.14 3.58
C ASN A 188 10.88 -1.50 3.46
N LEU A 189 11.28 -0.74 4.47
CA LEU A 189 12.65 -0.19 4.56
C LEU A 189 13.76 -1.19 4.28
N LEU A 190 13.57 -2.44 4.70
CA LEU A 190 14.56 -3.48 4.47
C LEU A 190 14.67 -3.87 3.00
N THR A 191 13.62 -3.64 2.22
CA THR A 191 13.70 -3.75 0.76
C THR A 191 14.56 -2.62 0.16
N HIS A 192 14.48 -1.43 0.75
CA HIS A 192 15.25 -0.29 0.29
C HIS A 192 16.72 -0.25 0.71
N VAL A 193 17.14 -1.15 1.59
CA VAL A 193 18.53 -1.31 1.92
C VAL A 193 19.37 -1.64 0.68
N GLY A 194 18.77 -2.39 -0.24
CA GLY A 194 19.43 -2.73 -1.50
C GLY A 194 20.30 -3.97 -1.48
N HIS A 195 20.37 -4.69 -0.36
CA HIS A 195 21.14 -5.93 -0.29
C HIS A 195 20.65 -6.81 0.86
N THR A 196 21.06 -8.07 0.84
CA THR A 196 20.63 -9.05 1.83
C THR A 196 21.20 -8.77 3.22
N ILE A 197 20.33 -8.84 4.22
CA ILE A 197 20.71 -8.86 5.61
C ILE A 197 20.11 -10.16 6.12
N LEU A 198 20.96 -11.14 6.38
CA LEU A 198 20.52 -12.51 6.62
C LEU A 198 19.62 -12.61 7.83
N GLY A 199 18.46 -13.25 7.65
CA GLY A 199 17.47 -13.34 8.69
C GLY A 199 16.57 -12.14 8.89
N MET A 200 16.85 -11.03 8.20
CA MET A 200 15.99 -9.86 8.34
C MET A 200 15.15 -9.68 7.10
N ASN A 201 15.80 -9.54 5.94
CA ASN A 201 15.07 -9.59 4.67
C ASN A 201 15.20 -10.95 3.97
N THR A 202 15.52 -11.99 4.73
CA THR A 202 15.37 -13.38 4.30
C THR A 202 14.70 -14.14 5.45
N VAL A 203 14.08 -15.26 5.12
CA VAL A 203 13.27 -16.02 6.06
C VAL A 203 14.18 -16.99 6.81
N GLN A 204 13.93 -17.08 8.12
CA GLN A 204 14.49 -18.14 8.96
C GLN A 204 13.41 -19.03 9.52
N LEU A 205 13.75 -20.30 9.64
CA LEU A 205 12.86 -21.33 10.13
C LEU A 205 13.40 -21.87 11.44
N TYR A 206 12.47 -22.24 12.31
CA TYR A 206 12.74 -22.78 13.63
C TYR A 206 11.95 -24.06 13.78
N MET A 207 12.62 -25.12 14.27
CA MET A 207 11.98 -26.42 14.47
C MET A 207 12.06 -26.69 15.95
N LYS A 208 10.92 -26.98 16.56
CA LYS A 208 10.80 -26.95 18.00
C LYS A 208 10.24 -28.22 18.60
N VAL A 209 10.64 -28.46 19.85
CA VAL A 209 9.97 -29.42 20.75
C VAL A 209 9.48 -28.66 21.98
N PRO A 210 8.59 -29.27 22.78
CA PRO A 210 8.11 -28.60 23.97
C PRO A 210 9.23 -28.12 24.87
N GLY A 211 9.10 -26.88 25.30
CA GLY A 211 10.08 -26.22 26.11
C GLY A 211 11.20 -25.50 25.38
N SER A 212 11.24 -25.60 24.05
CA SER A 212 12.19 -24.85 23.23
C SER A 212 11.94 -23.37 23.48
N ARG A 213 12.95 -22.67 24.00
CA ARG A 213 12.81 -21.30 24.48
C ARG A 213 13.62 -20.29 23.67
N THR A 214 12.96 -19.18 23.35
CA THR A 214 13.57 -18.01 22.74
C THR A 214 13.74 -16.98 23.86
N PRO A 215 15.00 -16.72 24.28
CA PRO A 215 15.21 -15.79 25.41
C PRO A 215 14.82 -14.35 25.10
N GLY A 216 14.66 -13.56 26.14
CA GLY A 216 14.28 -12.16 26.00
C GLY A 216 15.17 -11.32 25.12
N HIS A 217 14.58 -10.59 24.20
CA HIS A 217 15.37 -9.73 23.30
C HIS A 217 14.49 -8.70 22.61
N GLN A 218 15.17 -7.73 22.02
CA GLN A 218 14.62 -6.88 20.97
C GLN A 218 15.21 -7.30 19.63
N GLU A 219 14.47 -7.05 18.58
CA GLU A 219 14.93 -7.28 17.22
C GLU A 219 16.15 -6.43 16.84
N ASN A 220 16.89 -6.91 15.85
CA ASN A 220 18.05 -6.14 15.32
C ASN A 220 17.58 -4.74 14.90
N ASN A 221 18.24 -3.73 15.45
CA ASN A 221 17.92 -2.33 15.17
C ASN A 221 16.45 -2.00 15.35
N ASN A 222 15.81 -2.70 16.29
CA ASN A 222 14.41 -2.46 16.60
C ASN A 222 13.45 -2.54 15.43
N PHE A 223 13.75 -3.37 14.43
CA PHE A 223 12.80 -3.54 13.34
C PHE A 223 11.65 -4.46 13.72
N CYS A 224 10.46 -4.17 13.20
CA CYS A 224 9.34 -5.07 13.34
C CYS A 224 9.69 -6.51 12.86
N SER A 225 8.99 -7.50 13.40
N SER A 225 9.04 -7.53 13.46
CA SER A 225 9.13 -8.88 12.94
CA SER A 225 9.15 -8.93 13.01
C SER A 225 7.78 -9.57 12.76
C SER A 225 7.78 -9.57 12.76
N VAL A 226 7.76 -10.50 11.81
CA VAL A 226 6.60 -11.27 11.44
C VAL A 226 6.99 -12.71 11.80
N ASN A 227 6.10 -13.42 12.48
CA ASN A 227 6.29 -14.82 12.86
C ASN A 227 5.01 -15.60 12.57
N ILE A 228 5.12 -16.69 11.81
CA ILE A 228 3.98 -17.57 11.56
C ILE A 228 4.29 -18.96 12.17
N ASN A 229 3.37 -19.44 13.01
CA ASN A 229 3.44 -20.78 13.56
C ASN A 229 2.91 -21.77 12.51
N ILE A 230 3.76 -22.72 12.14
CA ILE A 230 3.42 -23.77 11.17
C ILE A 230 2.60 -24.87 11.83
N GLY A 231 2.76 -25.03 13.13
CA GLY A 231 2.13 -26.10 13.89
C GLY A 231 2.87 -27.42 13.75
N PRO A 232 2.25 -28.52 14.20
CA PRO A 232 0.89 -28.65 14.71
C PRO A 232 0.70 -28.14 16.12
N GLY A 233 1.76 -27.92 16.89
CA GLY A 233 1.62 -27.41 18.27
C GLY A 233 1.51 -25.89 18.40
N ASP A 234 1.35 -25.43 19.64
CA ASP A 234 1.22 -24.01 20.00
C ASP A 234 2.53 -23.43 20.56
N CYS A 235 2.67 -22.10 20.51
CA CYS A 235 3.75 -21.34 21.17
C CYS A 235 3.15 -20.32 22.10
N GLU A 236 3.84 -20.07 23.22
CA GLU A 236 3.41 -19.12 24.21
C GLU A 236 4.37 -17.95 24.21
N TRP A 237 3.82 -16.75 24.05
CA TRP A 237 4.56 -15.52 23.88
C TRP A 237 4.42 -14.63 25.10
N PHE A 238 5.51 -13.92 25.38
CA PHE A 238 5.59 -12.95 26.45
C PHE A 238 6.13 -11.66 25.86
N VAL A 239 5.45 -10.54 26.10
CA VAL A 239 5.71 -9.27 25.44
C VAL A 239 5.65 -8.10 26.44
N VAL A 240 6.67 -7.25 26.38
CA VAL A 240 6.78 -5.99 27.13
C VAL A 240 6.91 -4.83 26.12
N PRO A 241 6.13 -3.73 26.28
CA PRO A 241 6.30 -2.60 25.39
C PRO A 241 7.71 -2.00 25.38
N GLU A 242 8.07 -1.47 24.21
CA GLU A 242 9.38 -0.85 23.98
C GLU A 242 9.75 0.17 25.05
N ASP A 243 8.83 1.02 25.45
CA ASP A 243 9.17 2.08 26.44
C ASP A 243 9.48 1.57 27.89
N TYR A 244 9.33 0.27 28.14
CA TYR A 244 9.85 -0.37 29.36
C TYR A 244 11.19 -1.08 29.21
N TRP A 245 11.82 -1.04 28.04
CA TRP A 245 13.08 -1.80 27.84
C TRP A 245 14.18 -1.38 28.82
N GLY A 246 14.21 -0.09 29.17
CA GLY A 246 15.17 0.43 30.14
C GLY A 246 15.08 -0.23 31.52
N VAL A 247 13.87 -0.60 31.93
CA VAL A 247 13.68 -1.35 33.17
C VAL A 247 14.34 -2.73 33.08
N LEU A 248 14.12 -3.43 31.98
CA LEU A 248 14.69 -4.77 31.82
C LEU A 248 16.21 -4.71 31.68
N ASN A 249 16.70 -3.71 30.96
CA ASN A 249 18.15 -3.43 30.91
C ASN A 249 18.77 -3.29 32.31
N ASP A 250 18.09 -2.54 33.19
CA ASP A 250 18.55 -2.37 34.59
C ASP A 250 18.58 -3.67 35.38
N PHE A 251 17.54 -4.49 35.27
CA PHE A 251 17.55 -5.84 35.87
C PHE A 251 18.76 -6.65 35.42
N CYS A 252 19.08 -6.56 34.13
CA CYS A 252 20.21 -7.28 33.56
C CYS A 252 21.55 -6.76 34.12
N GLU A 253 21.71 -5.44 34.17
CA GLU A 253 22.92 -4.86 34.73
C GLU A 253 23.07 -5.18 36.21
N LYS A 254 21.99 -5.03 36.97
CA LYS A 254 21.98 -5.38 38.40
C LYS A 254 22.34 -6.85 38.65
N ASN A 255 21.84 -7.74 37.79
CA ASN A 255 22.04 -9.19 37.95
C ASN A 255 23.22 -9.75 37.13
N ASN A 256 24.12 -8.88 36.69
CA ASN A 256 25.33 -9.24 35.96
C ASN A 256 25.10 -9.91 34.59
N LEU A 257 24.13 -9.39 33.84
CA LEU A 257 23.82 -9.88 32.50
C LEU A 257 23.95 -8.75 31.48
N ASN A 258 24.38 -9.10 30.27
CA ASN A 258 24.36 -8.19 29.13
C ASN A 258 22.97 -8.28 28.48
N PHE A 259 22.21 -7.20 28.58
CA PHE A 259 20.89 -7.13 27.98
C PHE A 259 20.86 -7.62 26.51
N LEU A 260 21.75 -7.07 25.68
CA LEU A 260 21.80 -7.40 24.25
C LEU A 260 22.40 -8.75 23.91
N MET A 261 23.41 -9.19 24.64
CA MET A 261 24.25 -10.32 24.24
C MET A 261 24.09 -11.58 25.09
N SER A 262 23.54 -11.48 26.30
CA SER A 262 23.29 -12.66 27.17
C SER A 262 21.89 -13.26 26.92
N SER A 263 21.76 -14.54 27.27
CA SER A 263 20.47 -15.23 27.29
C SER A 263 19.82 -15.09 28.66
N TRP A 264 18.63 -14.50 28.68
CA TRP A 264 17.88 -14.31 29.91
C TRP A 264 16.38 -14.56 29.69
N TRP A 265 15.74 -15.06 30.73
CA TRP A 265 14.31 -15.38 30.74
C TRP A 265 13.72 -14.66 31.96
N PRO A 266 12.99 -13.55 31.76
CA PRO A 266 12.53 -12.73 32.91
C PRO A 266 11.68 -13.48 33.90
N ASN A 267 11.86 -13.14 35.17
CA ASN A 267 11.00 -13.60 36.26
C ASN A 267 9.79 -12.69 36.31
N LEU A 268 8.62 -13.25 36.03
CA LEU A 268 7.41 -12.46 35.96
C LEU A 268 7.05 -11.76 37.27
N GLU A 269 7.44 -12.32 38.41
CA GLU A 269 7.24 -11.69 39.71
C GLU A 269 8.15 -10.47 39.90
N ASP A 270 9.41 -10.55 39.44
CA ASP A 270 10.26 -9.34 39.35
C ASP A 270 9.58 -8.25 38.52
N LEU A 271 9.01 -8.62 37.36
CA LEU A 271 8.38 -7.65 36.49
C LEU A 271 7.11 -7.08 37.11
N TYR A 272 6.29 -7.94 37.71
CA TYR A 272 5.08 -7.49 38.42
C TYR A 272 5.44 -6.48 39.50
N GLU A 273 6.43 -6.81 40.32
CA GLU A 273 6.90 -5.93 41.39
C GLU A 273 7.35 -4.57 40.86
N ALA A 274 8.05 -4.54 39.72
CA ALA A 274 8.50 -3.27 39.11
C ALA A 274 7.43 -2.56 38.25
N ASN A 275 6.17 -2.99 38.33
CA ASN A 275 5.06 -2.45 37.56
C ASN A 275 5.26 -2.41 36.01
N VAL A 276 5.94 -3.43 35.48
CA VAL A 276 6.07 -3.60 34.04
C VAL A 276 4.89 -4.42 33.52
N PRO A 277 4.09 -3.86 32.60
CA PRO A 277 3.00 -4.67 32.09
C PRO A 277 3.53 -5.77 31.16
N VAL A 278 2.93 -6.96 31.26
CA VAL A 278 3.34 -8.12 30.46
C VAL A 278 2.14 -8.64 29.69
N TYR A 279 2.30 -8.67 28.37
CA TYR A 279 1.31 -9.20 27.47
C TYR A 279 1.67 -10.67 27.30
N ARG A 280 0.66 -11.52 27.31
CA ARG A 280 0.90 -12.95 27.28
C ARG A 280 -0.20 -13.62 26.49
N PHE A 281 0.16 -14.49 25.54
CA PHE A 281 -0.83 -15.12 24.66
C PHE A 281 -0.29 -16.37 23.97
N ILE A 282 -1.22 -17.17 23.47
CA ILE A 282 -0.93 -18.38 22.71
C ILE A 282 -1.04 -18.13 21.21
N GLN A 283 -0.03 -18.57 20.46
CA GLN A 283 -0.02 -18.48 19.02
C GLN A 283 -0.26 -19.89 18.51
N ARG A 284 -1.41 -20.10 17.87
CA ARG A 284 -1.79 -21.40 17.33
C ARG A 284 -1.31 -21.53 15.89
N PRO A 285 -1.35 -22.74 15.31
CA PRO A 285 -0.92 -22.88 13.93
C PRO A 285 -1.71 -21.98 12.98
N GLY A 286 -0.99 -21.33 12.07
CA GLY A 286 -1.58 -20.39 11.14
C GLY A 286 -1.79 -18.97 11.67
N ASP A 287 -1.56 -18.72 12.96
CA ASP A 287 -1.58 -17.35 13.49
C ASP A 287 -0.28 -16.62 13.16
N LEU A 288 -0.42 -15.38 12.72
CA LEU A 288 0.73 -14.51 12.50
C LEU A 288 0.88 -13.56 13.69
N VAL A 289 2.11 -13.45 14.20
CA VAL A 289 2.45 -12.56 15.30
C VAL A 289 3.32 -11.46 14.71
N TRP A 290 2.86 -10.23 14.88
CA TRP A 290 3.55 -9.01 14.47
C TRP A 290 4.12 -8.42 15.74
N ILE A 291 5.45 -8.38 15.82
CA ILE A 291 6.17 -7.77 16.93
C ILE A 291 6.51 -6.36 16.48
N ASN A 292 5.96 -5.37 17.19
CA ASN A 292 6.12 -3.98 16.78
C ASN A 292 7.51 -3.49 17.12
N ALA A 293 7.88 -2.34 16.57
CA ALA A 293 9.24 -1.86 16.68
C ALA A 293 9.73 -1.69 18.13
N GLY A 294 10.83 -2.36 18.45
CA GLY A 294 11.42 -2.30 19.80
C GLY A 294 10.76 -3.10 20.93
N THR A 295 9.69 -3.84 20.63
CA THR A 295 9.00 -4.64 21.64
C THR A 295 9.92 -5.73 22.19
N VAL A 296 9.97 -5.85 23.52
CA VAL A 296 10.81 -6.83 24.17
C VAL A 296 9.96 -8.10 24.30
N HIS A 297 10.53 -9.24 23.92
CA HIS A 297 9.72 -10.45 23.87
C HIS A 297 10.55 -11.72 24.06
N TRP A 298 9.89 -12.75 24.57
CA TRP A 298 10.44 -14.10 24.71
C TRP A 298 9.29 -15.10 24.47
N VAL A 299 9.65 -16.32 24.08
CA VAL A 299 8.71 -17.30 23.51
C VAL A 299 9.10 -18.72 23.94
N GLN A 300 8.10 -19.55 24.20
CA GLN A 300 8.36 -20.97 24.41
C GLN A 300 7.35 -21.81 23.66
N ALA A 301 7.84 -22.89 23.07
CA ALA A 301 6.99 -23.87 22.44
C ALA A 301 6.21 -24.61 23.53
N VAL A 302 4.91 -24.76 23.35
CA VAL A 302 4.07 -25.57 24.23
C VAL A 302 3.96 -26.99 23.67
N GLY A 303 3.91 -27.16 22.36
CA GLY A 303 3.96 -28.49 21.72
C GLY A 303 5.10 -28.63 20.71
N TRP A 304 4.90 -29.51 19.72
CA TRP A 304 5.83 -29.73 18.65
C TRP A 304 5.38 -28.86 17.49
N CYS A 305 6.26 -27.98 17.02
CA CYS A 305 5.93 -27.07 15.91
C CYS A 305 7.15 -26.54 15.22
N ASN A 306 6.90 -26.02 14.02
CA ASN A 306 7.86 -25.18 13.33
C ASN A 306 7.33 -23.76 13.26
N ASN A 307 8.25 -22.81 13.11
CA ASN A 307 7.89 -21.39 12.96
C ASN A 307 8.78 -20.78 11.93
N ILE A 308 8.25 -19.78 11.22
CA ILE A 308 9.03 -19.01 10.28
C ILE A 308 8.99 -17.53 10.66
N ALA A 309 10.09 -16.83 10.42
CA ALA A 309 10.18 -15.43 10.81
C ALA A 309 11.09 -14.60 9.96
N TRP A 310 10.77 -13.30 9.88
CA TRP A 310 11.59 -12.31 9.19
C TRP A 310 11.22 -10.94 9.74
N ASN A 311 11.93 -9.93 9.30
CA ASN A 311 11.68 -8.56 9.71
C ASN A 311 11.05 -7.75 8.61
N VAL A 312 10.41 -6.65 9.00
CA VAL A 312 9.78 -5.70 8.10
C VAL A 312 10.02 -4.33 8.73
N GLY A 313 10.32 -3.33 7.91
CA GLY A 313 10.49 -1.97 8.42
C GLY A 313 9.44 -1.08 7.81
N PRO A 314 8.32 -0.85 8.52
CA PRO A 314 7.32 0.05 7.96
C PRO A 314 7.88 1.47 7.85
N LEU A 315 7.41 2.21 6.86
CA LEU A 315 7.77 3.62 6.70
C LEU A 315 7.00 4.50 7.67
N THR A 316 7.37 4.47 8.93
CA THR A 316 6.78 5.34 9.92
C THR A 316 7.88 6.03 10.69
N ALA A 317 7.51 7.20 11.25
CA ALA A 317 8.40 7.98 12.09
C ALA A 317 8.92 7.17 13.27
N CYS A 318 8.00 6.46 13.93
CA CYS A 318 8.34 5.60 15.03
C CYS A 318 9.37 4.51 14.68
N GLN A 319 9.20 3.79 13.58
CA GLN A 319 10.16 2.75 13.19
C GLN A 319 11.53 3.36 12.97
N TYR A 320 11.57 4.43 12.16
CA TYR A 320 12.83 5.08 11.83
C TYR A 320 13.53 5.63 13.07
N LYS A 321 12.76 6.26 13.94
CA LYS A 321 13.31 6.77 15.18
C LYS A 321 13.93 5.68 16.02
N LEU A 322 13.19 4.58 16.22
CA LEU A 322 13.70 3.51 17.11
C LEU A 322 14.89 2.80 16.50
N ALA A 323 14.93 2.70 15.17
CA ALA A 323 16.03 2.07 14.46
C ALA A 323 17.35 2.87 14.57
N VAL A 324 17.24 4.19 14.42
CA VAL A 324 18.35 5.10 14.65
C VAL A 324 18.83 5.06 16.11
N GLU A 325 17.91 5.09 17.06
CA GLU A 325 18.30 5.05 18.48
C GLU A 325 19.10 3.79 18.82
N ARG A 326 18.60 2.64 18.36
CA ARG A 326 19.30 1.40 18.58
C ARG A 326 20.65 1.34 17.85
N TYR A 327 20.70 1.88 16.63
CA TYR A 327 21.95 2.02 15.88
C TYR A 327 23.01 2.75 16.70
N GLU A 328 22.60 3.83 17.32
CA GLU A 328 23.50 4.65 18.14
C GLU A 328 23.82 3.95 19.46
N TRP A 329 22.83 3.32 20.08
CA TRP A 329 23.07 2.51 21.28
C TRP A 329 24.06 1.36 21.04
N ASN A 330 23.94 0.67 19.90
CA ASN A 330 24.88 -0.39 19.56
C ASN A 330 26.32 0.06 19.52
N LYS A 331 26.57 1.27 19.01
CA LYS A 331 27.93 1.83 18.98
C LYS A 331 28.47 1.96 20.40
N LEU A 332 27.67 2.56 21.28
CA LEU A 332 28.07 2.67 22.69
C LEU A 332 28.41 1.33 23.33
N LYS A 333 27.65 0.28 23.00
CA LYS A 333 27.88 -1.05 23.55
C LYS A 333 28.87 -1.89 22.77
N SER A 334 29.57 -1.31 21.79
CA SER A 334 30.45 -2.03 20.86
C SER A 334 29.81 -3.27 20.24
N VAL A 335 28.56 -3.14 19.80
CA VAL A 335 27.81 -4.22 19.13
C VAL A 335 27.55 -3.81 17.68
N LYS A 336 27.77 -4.71 16.75
CA LYS A 336 27.50 -4.41 15.33
C LYS A 336 25.99 -4.23 15.07
N SER A 337 25.63 -3.21 14.30
CA SER A 337 24.27 -3.03 13.79
C SER A 337 24.09 -3.83 12.50
N PRO A 338 23.18 -4.81 12.48
CA PRO A 338 22.94 -5.51 11.20
C PRO A 338 22.32 -4.62 10.10
N VAL A 339 21.60 -3.56 10.47
CA VAL A 339 21.05 -2.65 9.50
C VAL A 339 21.92 -1.41 9.42
N PRO A 340 22.49 -1.13 8.22
CA PRO A 340 23.37 0.03 8.02
C PRO A 340 22.53 1.28 7.83
N MET A 341 22.22 1.95 8.92
CA MET A 341 21.27 3.07 8.88
C MET A 341 21.71 4.29 8.07
N VAL A 342 23.03 4.53 7.94
CA VAL A 342 23.48 5.58 7.03
C VAL A 342 23.17 5.23 5.59
N HIS A 343 23.64 4.08 5.16
CA HIS A 343 23.38 3.60 3.81
C HIS A 343 21.87 3.60 3.50
N LEU A 344 21.08 3.14 4.46
CA LEU A 344 19.64 3.10 4.29
C LEU A 344 19.03 4.47 4.12
N SER A 345 19.43 5.41 4.98
CA SER A 345 18.92 6.77 4.92
C SER A 345 19.19 7.46 3.56
N TRP A 346 20.37 7.24 2.99
CA TRP A 346 20.67 7.72 1.64
C TRP A 346 19.79 7.06 0.56
N ASN A 347 19.53 5.76 0.69
CA ASN A 347 18.67 5.08 -0.27
C ASN A 347 17.22 5.56 -0.21
N MET A 348 16.78 5.95 0.99
CA MET A 348 15.44 6.53 1.16
C MET A 348 15.38 7.88 0.47
N ALA A 349 16.39 8.70 0.68
CA ALA A 349 16.44 10.01 0.03
C ALA A 349 16.51 9.92 -1.49
N ARG A 350 17.19 8.90 -2.01
CA ARG A 350 17.32 8.72 -3.46
C ARG A 350 16.03 8.23 -4.09
N ASN A 351 15.36 7.24 -3.49
CA ASN A 351 14.33 6.45 -4.16
C ASN A 351 12.92 6.39 -3.54
N ILE A 352 12.69 7.07 -2.42
CA ILE A 352 11.38 7.03 -1.77
C ILE A 352 10.88 8.44 -1.67
N LYS A 353 9.70 8.69 -2.23
CA LYS A 353 9.00 9.94 -2.05
C LYS A 353 8.32 9.81 -0.68
N VAL A 354 8.72 10.65 0.27
CA VAL A 354 8.24 10.59 1.65
C VAL A 354 7.23 11.69 1.91
N SER A 355 6.02 11.29 2.30
CA SER A 355 4.92 12.23 2.53
C SER A 355 4.55 12.43 4.00
N ASP A 356 5.07 11.64 4.95
CA ASP A 356 4.84 11.93 6.36
C ASP A 356 5.82 13.02 6.82
N PRO A 357 5.29 14.16 7.31
CA PRO A 357 6.12 15.25 7.78
C PRO A 357 7.10 14.90 8.89
N LYS A 358 6.67 14.11 9.88
CA LYS A 358 7.53 13.75 11.01
C LYS A 358 8.67 12.79 10.55
N LEU A 359 8.34 11.80 9.73
CA LEU A 359 9.38 10.93 9.17
C LEU A 359 10.36 11.73 8.31
N PHE A 360 9.83 12.60 7.45
CA PHE A 360 10.67 13.37 6.53
C PHE A 360 11.71 14.20 7.29
N GLU A 361 11.26 14.86 8.36
CA GLU A 361 12.13 15.72 9.14
C GLU A 361 13.23 14.92 9.86
N MET A 362 12.92 13.68 10.28
CA MET A 362 13.93 12.82 10.90
C MET A 362 15.00 12.45 9.90
N ILE A 363 14.58 11.98 8.72
CA ILE A 363 15.52 11.53 7.70
C ILE A 363 16.40 12.70 7.24
N LYS A 364 15.77 13.85 7.00
CA LYS A 364 16.46 15.06 6.56
C LYS A 364 17.55 15.49 7.55
N TYR A 365 17.18 15.52 8.83
CA TYR A 365 18.10 15.84 9.91
C TYR A 365 19.30 14.86 9.94
N CYS A 366 19.02 13.55 9.88
CA CYS A 366 20.06 12.53 9.85
C CYS A 366 21.02 12.74 8.67
N LEU A 367 20.49 12.99 7.49
CA LEU A 367 21.33 13.16 6.31
C LEU A 367 22.23 14.39 6.42
N LEU A 368 21.72 15.45 7.06
CA LEU A 368 22.47 16.66 7.29
C LEU A 368 23.63 16.40 8.25
N LYS A 369 23.40 15.62 9.30
CA LYS A 369 24.46 15.19 10.21
C LYS A 369 25.55 14.41 9.47
N ILE A 370 25.14 13.43 8.69
CA ILE A 370 26.07 12.62 7.89
C ILE A 370 26.90 13.54 6.99
N LEU A 371 26.21 14.45 6.29
CA LEU A 371 26.87 15.35 5.32
C LEU A 371 27.87 16.30 5.99
N LYS A 372 27.48 16.92 7.10
CA LYS A 372 28.39 17.79 7.86
C LYS A 372 29.61 17.04 8.40
N GLN A 373 29.40 15.87 8.99
CA GLN A 373 30.50 15.10 9.55
C GLN A 373 31.45 14.69 8.44
N TYR A 374 30.89 14.29 7.30
CA TYR A 374 31.71 13.89 6.15
C TYR A 374 32.52 15.07 5.58
N GLN A 375 31.92 16.26 5.51
CA GLN A 375 32.64 17.47 5.07
C GLN A 375 33.76 17.86 6.05
N THR A 376 33.47 17.81 7.35
CA THR A 376 34.48 18.09 8.38
C THR A 376 35.68 17.14 8.22
N LEU A 377 35.41 15.84 8.18
CA LEU A 377 36.48 14.85 8.02
C LEU A 377 37.25 15.08 6.72
N ARG A 378 36.54 15.23 5.61
CA ARG A 378 37.18 15.38 4.30
C ARG A 378 38.08 16.61 4.21
N GLU A 379 37.64 17.71 4.81
CA GLU A 379 38.45 18.92 4.91
C GLU A 379 39.69 18.76 5.80
N ALA A 380 39.57 18.01 6.89
CA ALA A 380 40.72 17.74 7.77
C ALA A 380 41.77 16.92 7.06
N LEU A 381 41.32 15.91 6.30
CA LEU A 381 42.24 15.14 5.47
C LEU A 381 42.96 16.02 4.44
N VAL A 382 42.21 16.85 3.73
CA VAL A 382 42.79 17.70 2.68
C VAL A 382 43.72 18.76 3.29
N ALA A 383 43.33 19.36 4.41
CA ALA A 383 44.17 20.32 5.12
C ALA A 383 45.47 19.69 5.67
N ALA A 384 45.45 18.38 5.96
CA ALA A 384 46.66 17.64 6.34
C ALA A 384 47.49 17.15 5.14
N GLY A 385 47.03 17.41 3.91
CA GLY A 385 47.73 17.01 2.69
C GLY A 385 47.55 15.55 2.29
N LYS A 386 46.56 14.87 2.89
CA LYS A 386 46.28 13.48 2.56
C LYS A 386 45.39 13.41 1.31
N GLU A 387 45.80 12.61 0.33
CA GLU A 387 45.08 12.45 -0.92
C GLU A 387 43.78 11.64 -0.75
N VAL A 388 42.71 12.14 -1.38
CA VAL A 388 41.44 11.42 -1.44
C VAL A 388 41.31 10.80 -2.84
N ILE A 389 41.27 9.46 -2.89
CA ILE A 389 41.28 8.72 -4.16
C ILE A 389 39.86 8.42 -4.60
N TRP A 390 39.52 8.87 -5.82
CA TRP A 390 38.23 8.53 -6.40
C TRP A 390 38.17 7.01 -6.62
N HIS A 391 37.23 6.34 -5.95
CA HIS A 391 37.11 4.88 -6.02
C HIS A 391 35.80 4.41 -6.63
N GLY A 392 34.76 5.24 -6.51
CA GLY A 392 33.44 4.87 -6.96
C GLY A 392 32.87 3.68 -6.24
N ARG A 393 31.92 3.05 -6.91
CA ARG A 393 31.10 2.04 -6.29
C ARG A 393 30.35 1.26 -7.36
N THR A 394 30.30 -0.07 -7.22
CA THR A 394 29.36 -0.89 -7.99
C THR A 394 27.96 -0.58 -7.48
N ASN A 395 26.98 -0.46 -8.38
CA ASN A 395 25.58 -0.32 -7.92
C ASN A 395 25.12 -1.61 -7.24
N ASP A 396 24.28 -1.46 -6.20
CA ASP A 396 23.88 -2.56 -5.33
C ASP A 396 25.00 -3.11 -4.41
N GLU A 397 26.19 -2.51 -4.42
CA GLU A 397 27.27 -2.92 -3.51
C GLU A 397 26.78 -2.75 -2.06
N PRO A 398 27.00 -3.76 -1.21
CA PRO A 398 26.57 -3.62 0.20
C PRO A 398 27.26 -2.47 0.99
N ALA A 399 26.70 -2.13 2.13
CA ALA A 399 27.31 -1.15 3.04
C ALA A 399 28.60 -1.73 3.61
N HIS A 400 29.56 -0.89 3.98
CA HIS A 400 30.80 -1.36 4.55
C HIS A 400 30.84 -1.14 6.05
N TYR A 401 31.50 -2.05 6.76
CA TYR A 401 31.75 -1.91 8.19
C TYR A 401 33.25 -2.00 8.52
N CYS A 402 33.69 -1.27 9.54
CA CYS A 402 35.12 -1.27 9.97
C CYS A 402 35.56 -2.69 10.35
N SER A 403 36.65 -3.15 9.74
CA SER A 403 37.17 -4.50 10.03
C SER A 403 37.58 -4.68 11.48
N ILE A 404 37.85 -3.61 12.20
CA ILE A 404 38.28 -3.71 13.59
C ILE A 404 37.12 -3.54 14.57
N CYS A 405 36.45 -2.40 14.54
CA CYS A 405 35.40 -2.07 15.51
C CYS A 405 33.96 -2.35 15.04
N GLU A 406 33.79 -2.72 13.77
CA GLU A 406 32.48 -3.05 13.16
C GLU A 406 31.44 -1.92 13.09
N VAL A 407 31.85 -0.66 13.24
CA VAL A 407 30.99 0.48 12.94
C VAL A 407 30.74 0.57 11.41
N GLU A 408 29.55 1.02 11.00
CA GLU A 408 29.32 1.30 9.57
C GLU A 408 30.29 2.43 9.12
N VAL A 409 30.89 2.26 7.96
CA VAL A 409 31.80 3.24 7.38
C VAL A 409 31.16 3.69 6.08
N PHE A 410 30.86 4.99 5.96
CA PHE A 410 30.18 5.53 4.79
C PHE A 410 31.07 6.44 3.97
N ASN A 411 31.13 6.15 2.67
CA ASN A 411 31.79 6.98 1.67
C ASN A 411 33.31 6.98 1.72
N LEU A 412 33.90 7.61 2.74
CA LEU A 412 35.37 7.59 2.90
C LEU A 412 35.83 6.31 3.61
N LEU A 413 36.48 5.45 2.85
CA LEU A 413 37.00 4.17 3.28
C LEU A 413 38.52 4.27 3.52
N PHE A 414 38.98 3.76 4.67
CA PHE A 414 40.40 3.77 4.99
C PHE A 414 40.94 2.35 4.79
N VAL A 415 41.81 2.20 3.80
CA VAL A 415 42.36 0.90 3.43
C VAL A 415 43.88 0.98 3.47
N THR A 416 44.53 -0.04 4.02
CA THR A 416 46.00 -0.05 4.08
C THR A 416 46.58 -0.01 2.66
N ASN A 417 47.79 0.52 2.54
CA ASN A 417 48.50 0.53 1.24
C ASN A 417 48.56 -0.84 0.57
N GLU A 418 48.80 -1.85 1.39
CA GLU A 418 48.99 -3.22 0.91
C GLU A 418 47.67 -3.81 0.44
N SER A 419 46.59 -3.61 1.21
CA SER A 419 45.28 -4.09 0.82
C SER A 419 44.79 -3.37 -0.46
N ASN A 420 45.18 -2.12 -0.62
CA ASN A 420 44.86 -1.38 -1.83
C ASN A 420 45.59 -1.97 -3.04
N THR A 421 46.89 -2.16 -2.90
CA THR A 421 47.71 -2.80 -3.93
C THR A 421 47.15 -4.16 -4.34
N GLN A 422 46.82 -4.99 -3.36
CA GLN A 422 46.26 -6.32 -3.60
C GLN A 422 44.78 -6.32 -4.03
N LYS A 423 44.14 -5.15 -4.01
CA LYS A 423 42.75 -4.98 -4.45
C LYS A 423 41.76 -5.78 -3.59
N THR A 424 42.12 -5.98 -2.32
CA THR A 424 41.25 -6.62 -1.33
C THR A 424 40.34 -5.61 -0.59
N TYR A 425 40.78 -4.35 -0.55
CA TYR A 425 39.97 -3.23 -0.08
C TYR A 425 39.30 -3.48 1.28
N ILE A 426 40.10 -3.87 2.26
CA ILE A 426 39.64 -4.19 3.61
C ILE A 426 39.45 -2.86 4.35
N VAL A 427 38.23 -2.61 4.81
CA VAL A 427 37.81 -1.27 5.21
C VAL A 427 38.07 -1.01 6.68
N HIS A 428 38.59 0.17 6.98
CA HIS A 428 38.65 0.67 8.35
C HIS A 428 37.90 1.97 8.42
N CYS A 429 37.38 2.28 9.61
CA CYS A 429 36.93 3.63 9.95
C CYS A 429 38.14 4.55 10.18
N HIS A 430 37.91 5.86 10.19
CA HIS A 430 38.96 6.83 10.39
C HIS A 430 39.65 6.64 11.73
N ASP A 431 38.85 6.44 12.77
CA ASP A 431 39.38 6.33 14.14
C ASP A 431 40.31 5.14 14.28
N CYS A 432 39.88 3.98 13.78
CA CYS A 432 40.71 2.79 13.81
C CYS A 432 41.97 2.94 12.96
N ALA A 433 41.88 3.63 11.81
CA ALA A 433 43.07 3.84 11.00
C ALA A 433 44.07 4.76 11.70
N ARG A 434 43.57 5.86 12.28
CA ARG A 434 44.39 6.77 13.09
C ARG A 434 45.10 6.09 14.26
N LYS A 435 44.38 5.23 14.99
CA LYS A 435 44.98 4.49 16.09
C LYS A 435 46.13 3.55 15.65
N THR A 436 45.95 2.91 14.50
CA THR A 436 46.98 2.05 13.88
C THR A 436 48.17 2.92 13.41
N SER A 437 47.89 3.98 12.67
CA SER A 437 48.88 4.71 11.89
C SER A 437 48.63 6.19 12.04
N LYS A 438 49.47 6.86 12.84
CA LYS A 438 49.15 8.18 13.41
C LYS A 438 48.92 9.30 12.39
N SER A 439 49.71 9.33 11.32
CA SER A 439 49.52 10.30 10.24
C SER A 439 48.90 9.64 9.02
N LEU A 440 48.28 8.47 9.18
CA LEU A 440 47.70 7.70 8.07
C LEU A 440 48.67 7.28 6.97
N GLU A 441 49.96 7.24 7.32
CA GLU A 441 51.02 6.92 6.37
C GLU A 441 50.88 5.50 5.82
N ASN A 442 50.21 4.63 6.58
CA ASN A 442 49.92 3.26 6.13
C ASN A 442 48.62 3.08 5.35
N PHE A 443 47.87 4.17 5.11
CA PHE A 443 46.51 4.07 4.55
C PHE A 443 46.34 4.90 3.27
N VAL A 444 45.46 4.42 2.40
CA VAL A 444 44.86 5.25 1.36
C VAL A 444 43.41 5.54 1.75
N VAL A 445 42.92 6.71 1.34
CA VAL A 445 41.53 7.11 1.58
C VAL A 445 40.77 7.00 0.26
N LEU A 446 39.79 6.11 0.22
CA LEU A 446 38.99 5.87 -0.97
C LEU A 446 37.62 6.54 -0.81
N GLU A 447 37.18 7.26 -1.84
CA GLU A 447 35.91 7.98 -1.85
C GLU A 447 34.97 7.29 -2.83
N GLN A 448 33.82 6.87 -2.33
CA GLN A 448 32.82 6.19 -3.13
C GLN A 448 31.75 7.11 -3.74
N TYR A 449 31.65 8.36 -3.29
CA TYR A 449 30.63 9.29 -3.79
C TYR A 449 31.18 10.71 -3.78
N LYS A 450 30.92 11.48 -4.85
CA LYS A 450 31.35 12.89 -4.88
C LYS A 450 30.45 13.69 -3.96
N MET A 451 31.02 14.69 -3.29
CA MET A 451 30.27 15.53 -2.37
C MET A 451 29.10 16.20 -3.09
N GLU A 452 29.34 16.60 -4.34
CA GLU A 452 28.37 17.36 -5.14
C GLU A 452 27.11 16.54 -5.39
N ASP A 453 27.30 15.26 -5.74
CA ASP A 453 26.22 14.26 -5.89
C ASP A 453 25.40 14.06 -4.60
N LEU A 454 26.07 13.89 -3.45
CA LEU A 454 25.37 13.76 -2.16
C LEU A 454 24.61 15.04 -1.79
N ILE A 455 25.21 16.20 -2.07
CA ILE A 455 24.57 17.49 -1.78
C ILE A 455 23.25 17.61 -2.55
N GLN A 456 23.26 17.12 -3.79
CA GLN A 456 22.10 17.15 -4.65
C GLN A 456 21.02 16.20 -4.19
N VAL A 457 21.40 14.96 -3.87
CA VAL A 457 20.43 14.02 -3.30
C VAL A 457 19.79 14.65 -2.07
N TYR A 458 20.58 15.27 -1.20
CA TYR A 458 20.03 15.98 -0.04
C TYR A 458 19.09 17.11 -0.43
N ASP A 459 19.52 17.97 -1.36
CA ASP A 459 18.71 19.12 -1.77
C ASP A 459 17.40 18.68 -2.45
N GLN A 460 17.48 17.65 -3.29
CA GLN A 460 16.32 17.15 -4.02
C GLN A 460 15.43 16.21 -3.20
N PHE A 461 15.77 15.97 -1.92
CA PHE A 461 14.94 15.21 -1.01
C PHE A 461 14.02 16.20 -0.29
N THR A 462 12.76 16.28 -0.73
CA THR A 462 11.76 17.19 -0.14
C THR A 462 10.44 16.48 0.14
N LEU A 463 9.67 17.04 1.05
CA LEU A 463 8.40 16.46 1.45
C LEU A 463 7.45 16.36 0.24
N ALA A 464 6.94 15.17 -0.04
CA ALA A 464 5.89 15.00 -1.05
C ALA A 464 4.53 15.31 -0.43
N LEU A 465 3.63 15.92 -1.19
CA LEU A 465 2.29 16.17 -0.67
C LEU A 465 1.48 14.90 -0.72
N SER A 466 0.92 14.49 0.42
CA SER A 466 -0.15 13.50 0.40
C SER A 466 -1.38 14.02 1.13
N LEU A 467 -2.53 13.82 0.51
CA LEU A 467 -3.82 14.16 1.11
C LEU A 467 -4.33 13.15 2.18
N SER A 468 -3.74 11.96 2.30
CA SER A 468 -4.13 11.00 3.33
C SER A 468 -3.43 11.28 4.66
N SER A 469 -3.87 10.60 5.72
CA SER A 469 -3.25 10.71 7.06
C SER A 469 -2.12 9.71 7.24
N ASP B 5 -27.84 -17.29 -0.36
CA ASP B 5 -26.36 -17.33 -0.26
C ASP B 5 -25.79 -15.90 -0.10
N LYS B 6 -24.89 -15.75 0.87
CA LYS B 6 -24.23 -14.46 1.12
C LYS B 6 -23.30 -14.03 -0.03
N LEU B 7 -22.83 -14.98 -0.84
CA LEU B 7 -22.01 -14.69 -2.02
C LEU B 7 -22.78 -14.36 -3.31
N ASN B 8 -24.12 -14.49 -3.27
CA ASN B 8 -25.02 -14.13 -4.39
C ASN B 8 -26.17 -13.29 -3.84
N PRO B 9 -25.86 -12.09 -3.32
CA PRO B 9 -26.86 -11.34 -2.61
C PRO B 9 -27.86 -10.65 -3.53
N PRO B 10 -29.07 -10.33 -3.01
CA PRO B 10 -30.03 -9.56 -3.78
C PRO B 10 -29.47 -8.17 -4.12
N THR B 11 -30.04 -7.57 -5.15
CA THR B 11 -29.63 -6.25 -5.58
C THR B 11 -30.49 -5.21 -4.88
N PRO B 12 -29.86 -4.23 -4.18
CA PRO B 12 -30.65 -3.15 -3.62
C PRO B 12 -31.46 -2.46 -4.73
N SER B 13 -32.77 -2.44 -4.55
CA SER B 13 -33.68 -2.04 -5.59
C SER B 13 -34.71 -1.07 -5.09
N ILE B 14 -35.11 -0.15 -5.97
CA ILE B 14 -36.19 0.78 -5.71
C ILE B 14 -37.20 0.59 -6.83
N TYR B 15 -38.43 0.25 -6.45
CA TYR B 15 -39.52 -0.01 -7.39
C TYR B 15 -40.34 1.27 -7.47
N LEU B 16 -40.19 2.01 -8.58
CA LEU B 16 -40.94 3.24 -8.79
C LEU B 16 -42.15 2.96 -9.67
N GLU B 17 -43.25 3.64 -9.36
CA GLU B 17 -44.47 3.60 -10.18
C GLU B 17 -44.98 5.02 -10.53
N ASN B 18 -44.88 5.97 -9.59
CA ASN B 18 -45.32 7.37 -9.77
C ASN B 18 -44.17 8.35 -9.94
N LYS B 19 -44.47 9.53 -10.51
CA LYS B 19 -43.49 10.64 -10.63
C LYS B 19 -43.05 11.19 -9.28
N ARG B 20 -43.94 11.13 -8.28
CA ARG B 20 -43.68 11.71 -6.97
C ARG B 20 -42.75 10.87 -6.11
N ASP B 21 -42.82 9.55 -6.30
CA ASP B 21 -41.90 8.59 -5.64
C ASP B 21 -40.43 8.96 -5.88
N ALA B 22 -40.10 9.29 -7.14
CA ALA B 22 -38.74 9.64 -7.57
C ALA B 22 -38.13 10.86 -6.86
N PHE B 23 -38.96 11.81 -6.46
CA PHE B 23 -38.49 13.01 -5.77
C PHE B 23 -38.51 12.90 -4.22
N PHE B 24 -38.96 11.77 -3.67
CA PHE B 24 -38.95 11.54 -2.21
C PHE B 24 -37.50 11.40 -1.66
N PRO B 25 -37.10 12.29 -0.71
CA PRO B 25 -35.74 12.29 -0.08
C PRO B 25 -35.13 10.98 0.47
N PRO B 26 -35.97 10.00 0.93
CA PRO B 26 -35.45 8.64 1.15
C PRO B 26 -34.66 8.02 -0.03
N LEU B 27 -34.95 8.48 -1.26
CA LEU B 27 -34.33 7.93 -2.46
C LEU B 27 -32.82 8.18 -2.55
N HIS B 28 -32.37 9.43 -2.46
CA HIS B 28 -30.93 9.71 -2.48
C HIS B 28 -30.20 9.09 -1.29
N GLN B 29 -30.87 8.99 -0.14
CA GLN B 29 -30.27 8.38 1.04
C GLN B 29 -30.03 6.88 0.85
N PHE B 30 -30.97 6.20 0.19
CA PHE B 30 -30.80 4.79 -0.17
C PHE B 30 -29.61 4.59 -1.14
N CYS B 31 -29.57 5.43 -2.17
CA CYS B 31 -28.53 5.35 -3.20
C CYS B 31 -27.12 5.61 -2.67
N THR B 32 -26.97 6.64 -1.81
CA THR B 32 -25.65 7.03 -1.28
C THR B 32 -25.19 6.24 -0.04
N ASN B 33 -26.09 5.45 0.55
CA ASN B 33 -25.77 4.55 1.66
C ASN B 33 -24.65 3.55 1.28
N PRO B 34 -23.49 3.62 1.97
CA PRO B 34 -22.35 2.72 1.69
C PRO B 34 -22.66 1.23 1.75
N LYS B 35 -23.69 0.85 2.50
CA LYS B 35 -24.12 -0.54 2.61
C LYS B 35 -24.69 -1.07 1.27
N ASN B 36 -25.16 -0.17 0.39
CA ASN B 36 -25.66 -0.52 -0.96
C ASN B 36 -24.62 -0.20 -2.03
N PRO B 37 -23.87 -1.21 -2.51
CA PRO B 37 -22.79 -0.96 -3.49
C PRO B 37 -23.31 -0.54 -4.87
N VAL B 38 -24.54 -0.92 -5.16
CA VAL B 38 -25.27 -0.52 -6.36
C VAL B 38 -26.74 -0.39 -5.95
N THR B 39 -27.46 0.50 -6.59
CA THR B 39 -28.91 0.55 -6.49
C THR B 39 -29.50 0.56 -7.88
N VAL B 40 -30.51 -0.28 -8.12
CA VAL B 40 -31.28 -0.23 -9.35
C VAL B 40 -32.63 0.41 -9.07
N ILE B 41 -32.90 1.52 -9.75
CA ILE B 41 -34.17 2.23 -9.67
C ILE B 41 -35.01 1.79 -10.87
N ARG B 42 -35.95 0.90 -10.60
CA ARG B 42 -36.74 0.27 -11.64
C ARG B 42 -37.86 1.20 -12.05
N GLY B 43 -38.11 1.27 -13.35
CA GLY B 43 -39.20 2.06 -13.90
C GLY B 43 -38.99 3.55 -13.80
N LEU B 44 -37.73 3.98 -13.64
CA LEU B 44 -37.41 5.39 -13.40
C LEU B 44 -37.85 6.32 -14.53
N ALA B 45 -37.56 5.92 -15.76
CA ALA B 45 -37.85 6.74 -16.95
C ALA B 45 -39.37 6.87 -17.16
N GLY B 46 -40.07 5.76 -17.02
CA GLY B 46 -41.54 5.72 -17.09
C GLY B 46 -42.18 6.58 -16.01
N ALA B 47 -41.67 6.47 -14.79
CA ALA B 47 -42.20 7.24 -13.67
C ALA B 47 -42.03 8.74 -13.83
N LEU B 48 -40.89 9.18 -14.35
CA LEU B 48 -40.64 10.60 -14.63
C LEU B 48 -41.16 11.07 -15.99
N LYS B 49 -41.69 10.17 -16.81
CA LYS B 49 -42.02 10.44 -18.20
C LYS B 49 -40.83 11.11 -18.93
N LEU B 50 -39.64 10.51 -18.79
CA LEU B 50 -38.49 10.88 -19.60
C LEU B 50 -38.69 10.26 -20.97
N ASP B 51 -38.39 11.03 -22.00
CA ASP B 51 -38.50 10.54 -23.36
C ASP B 51 -37.18 9.89 -23.77
N LEU B 52 -37.15 8.56 -23.69
CA LEU B 52 -35.96 7.80 -24.08
C LEU B 52 -35.71 7.78 -25.59
N GLY B 53 -36.76 8.00 -26.38
CA GLY B 53 -36.66 8.18 -27.84
C GLY B 53 -35.67 9.25 -28.29
N LEU B 54 -35.47 10.27 -27.47
CA LEU B 54 -34.43 11.26 -27.71
C LEU B 54 -32.99 10.67 -27.82
N PHE B 55 -32.78 9.46 -27.30
CA PHE B 55 -31.48 8.78 -27.32
C PHE B 55 -31.51 7.51 -28.17
N SER B 56 -32.59 7.29 -28.91
CA SER B 56 -32.66 6.13 -29.82
C SER B 56 -31.67 6.34 -30.96
N THR B 57 -31.29 5.25 -31.59
CA THR B 57 -30.29 5.33 -32.63
C THR B 57 -30.79 6.22 -33.80
N LYS B 58 -32.05 6.04 -34.19
CA LYS B 58 -32.69 6.86 -35.25
C LYS B 58 -32.55 8.36 -34.95
N THR B 59 -32.91 8.77 -33.74
CA THR B 59 -32.81 10.18 -33.35
C THR B 59 -31.37 10.69 -33.36
N LEU B 60 -30.41 9.87 -32.92
CA LEU B 60 -29.01 10.33 -32.85
C LEU B 60 -28.44 10.52 -34.24
N VAL B 61 -28.75 9.58 -35.13
CA VAL B 61 -28.38 9.68 -36.55
C VAL B 61 -28.92 10.98 -37.17
N GLU B 62 -30.21 11.26 -37.00
CA GLU B 62 -30.79 12.53 -37.47
C GLU B 62 -30.10 13.76 -36.87
N ALA B 63 -29.77 13.71 -35.59
CA ALA B 63 -29.18 14.88 -34.91
C ALA B 63 -27.73 15.18 -35.33
N ASN B 64 -26.84 14.18 -35.28
CA ASN B 64 -25.41 14.41 -35.52
C ASN B 64 -24.78 13.18 -36.11
N ASN B 65 -25.09 12.95 -37.38
CA ASN B 65 -24.74 11.69 -38.03
C ASN B 65 -23.23 11.44 -38.22
N GLU B 66 -22.42 12.51 -38.26
CA GLU B 66 -20.96 12.38 -38.38
C GLU B 66 -20.23 12.40 -37.04
N HIS B 67 -20.98 12.43 -35.94
CA HIS B 67 -20.38 12.49 -34.62
C HIS B 67 -19.49 11.27 -34.35
N MET B 68 -18.37 11.48 -33.65
CA MET B 68 -17.41 10.41 -33.42
C MET B 68 -17.89 9.33 -32.43
N VAL B 69 -17.52 8.10 -32.75
CA VAL B 69 -17.74 6.92 -31.92
C VAL B 69 -16.44 6.17 -31.79
N GLU B 70 -16.04 5.83 -30.56
CA GLU B 70 -14.91 4.94 -30.33
C GLU B 70 -15.36 3.48 -30.36
N VAL B 71 -14.95 2.75 -31.38
CA VAL B 71 -15.33 1.37 -31.57
C VAL B 71 -14.36 0.46 -30.83
N ARG B 72 -14.91 -0.48 -30.07
CA ARG B 72 -14.14 -1.54 -29.47
C ARG B 72 -14.57 -2.83 -30.12
N THR B 73 -13.62 -3.54 -30.72
CA THR B 73 -13.83 -4.82 -31.37
C THR B 73 -13.52 -5.94 -30.38
N GLN B 74 -14.47 -6.83 -30.17
CA GLN B 74 -14.41 -7.83 -29.10
C GLN B 74 -14.87 -9.16 -29.63
N LEU B 75 -14.52 -10.25 -28.94
CA LEU B 75 -15.11 -11.57 -29.22
C LEU B 75 -16.44 -11.74 -28.50
N LEU B 76 -17.39 -12.40 -29.14
CA LEU B 76 -18.65 -12.76 -28.53
C LEU B 76 -18.40 -13.98 -27.64
N GLN B 77 -18.39 -13.77 -26.32
CA GLN B 77 -18.18 -14.84 -25.33
C GLN B 77 -19.49 -15.43 -24.86
N PRO B 78 -19.50 -16.70 -24.40
CA PRO B 78 -20.74 -17.30 -23.89
C PRO B 78 -21.08 -16.87 -22.47
N ALA B 79 -22.35 -16.58 -22.26
CA ALA B 79 -22.95 -16.35 -20.92
C ALA B 79 -22.14 -15.33 -20.11
N ASP B 80 -21.64 -15.72 -18.93
CA ASP B 80 -20.94 -14.81 -18.02
C ASP B 80 -19.44 -15.13 -17.98
N GLU B 81 -18.96 -15.93 -18.95
CA GLU B 81 -17.60 -16.45 -18.96
C GLU B 81 -16.71 -15.65 -19.91
N ASN B 82 -15.40 -15.79 -19.72
CA ASN B 82 -14.42 -15.24 -20.65
C ASN B 82 -13.35 -16.29 -20.87
N TRP B 83 -13.21 -16.71 -22.13
CA TRP B 83 -12.27 -17.74 -22.55
C TRP B 83 -11.14 -17.10 -23.31
N ASP B 84 -9.96 -17.73 -23.28
CA ASP B 84 -8.82 -17.30 -24.10
C ASP B 84 -9.20 -17.47 -25.60
N PRO B 85 -8.45 -16.82 -26.52
CA PRO B 85 -8.80 -16.89 -27.97
C PRO B 85 -8.99 -18.29 -28.54
N THR B 86 -8.19 -19.27 -28.07
CA THR B 86 -8.28 -20.65 -28.58
C THR B 86 -9.48 -21.47 -28.04
N GLY B 87 -10.21 -20.92 -27.06
CA GLY B 87 -11.36 -21.63 -26.47
C GLY B 87 -10.98 -22.77 -25.52
N THR B 88 -9.76 -22.71 -24.99
CA THR B 88 -9.16 -23.79 -24.19
C THR B 88 -9.42 -23.64 -22.68
N LYS B 89 -9.23 -22.45 -22.13
CA LYS B 89 -9.39 -22.21 -20.68
C LYS B 89 -10.01 -20.86 -20.40
N LYS B 90 -10.62 -20.74 -19.22
CA LYS B 90 -11.20 -19.46 -18.80
C LYS B 90 -10.10 -18.61 -18.19
N ILE B 91 -10.01 -17.35 -18.63
CA ILE B 91 -9.05 -16.37 -18.10
C ILE B 91 -9.74 -15.01 -17.89
N TRP B 92 -9.05 -14.12 -17.17
CA TRP B 92 -9.60 -12.79 -16.90
C TRP B 92 -9.31 -11.84 -18.04
N ARG B 93 -8.09 -11.90 -18.60
CA ARG B 93 -7.70 -10.97 -19.65
C ARG B 93 -8.63 -11.02 -20.84
N CYS B 94 -9.04 -9.85 -21.32
CA CYS B 94 -9.86 -9.78 -22.51
C CYS B 94 -9.31 -8.72 -23.47
N GLU B 95 -9.29 -9.11 -24.75
CA GLU B 95 -8.70 -8.32 -25.83
C GLU B 95 -9.77 -7.41 -26.39
N SER B 96 -9.37 -6.17 -26.71
CA SER B 96 -10.15 -5.34 -27.61
C SER B 96 -9.35 -4.23 -28.29
N ASN B 97 -9.30 -4.26 -29.61
CA ASN B 97 -8.73 -3.18 -30.41
C ASN B 97 -9.67 -1.97 -30.45
N ARG B 98 -9.10 -0.77 -30.38
CA ARG B 98 -9.86 0.47 -30.51
C ARG B 98 -9.70 1.06 -31.91
N SER B 99 -10.82 1.50 -32.49
CA SER B 99 -10.84 2.30 -33.72
C SER B 99 -11.94 3.37 -33.59
N HIS B 100 -12.16 4.15 -34.65
CA HIS B 100 -13.16 5.20 -34.67
C HIS B 100 -14.12 5.01 -35.83
N THR B 101 -15.36 5.46 -35.64
CA THR B 101 -16.34 5.51 -36.68
C THR B 101 -17.26 6.68 -36.35
N THR B 102 -18.37 6.78 -37.05
CA THR B 102 -19.36 7.82 -36.80
C THR B 102 -20.67 7.19 -36.33
N ILE B 103 -21.56 8.01 -35.77
CA ILE B 103 -22.89 7.52 -35.37
C ILE B 103 -23.63 6.85 -36.54
N ALA B 104 -23.60 7.47 -37.71
CA ALA B 104 -24.27 6.93 -38.91
C ALA B 104 -23.74 5.55 -39.24
N LYS B 105 -22.43 5.37 -39.19
CA LYS B 105 -21.84 4.11 -39.61
C LYS B 105 -22.04 3.01 -38.56
N TYR B 106 -21.90 3.35 -37.28
CA TYR B 106 -22.19 2.36 -36.22
C TYR B 106 -23.69 1.98 -36.21
N ALA B 107 -24.57 2.95 -36.40
CA ALA B 107 -26.02 2.69 -36.50
C ALA B 107 -26.35 1.67 -37.61
N GLN B 108 -25.72 1.81 -38.78
CA GLN B 108 -25.87 0.79 -39.85
C GLN B 108 -25.49 -0.59 -39.34
N TYR B 109 -24.37 -0.66 -38.63
CA TYR B 109 -23.90 -1.93 -38.05
C TYR B 109 -24.88 -2.47 -36.99
N GLN B 110 -25.36 -1.61 -36.10
CA GLN B 110 -26.28 -2.00 -35.05
C GLN B 110 -27.58 -2.57 -35.65
N ALA B 111 -28.12 -1.89 -36.68
CA ALA B 111 -29.36 -2.35 -37.35
C ALA B 111 -29.16 -3.60 -38.19
N SER B 112 -28.04 -3.70 -38.92
CA SER B 112 -27.80 -4.90 -39.75
C SER B 112 -27.52 -6.13 -38.90
N SER B 113 -26.81 -5.94 -37.79
CA SER B 113 -26.61 -6.99 -36.78
C SER B 113 -27.97 -7.58 -36.28
N PHE B 114 -28.94 -6.73 -35.99
CA PHE B 114 -30.28 -7.18 -35.60
C PHE B 114 -30.94 -7.97 -36.74
N GLN B 115 -30.93 -7.41 -37.95
CA GLN B 115 -31.52 -8.08 -39.13
C GLN B 115 -30.92 -9.44 -39.38
N GLU B 116 -29.59 -9.53 -39.31
CA GLU B 116 -28.88 -10.80 -39.44
C GLU B 116 -29.36 -11.85 -38.45
N SER B 117 -29.60 -11.46 -37.20
CA SER B 117 -30.04 -12.42 -36.17
C SER B 117 -31.49 -12.86 -36.42
N LEU B 118 -32.32 -11.97 -36.94
CA LEU B 118 -33.66 -12.35 -37.36
C LEU B 118 -33.61 -13.42 -38.45
N ARG B 119 -32.78 -13.22 -39.48
CA ARG B 119 -32.63 -14.23 -40.54
C ARG B 119 -32.10 -15.55 -40.00
N GLU B 120 -31.14 -15.51 -39.08
CA GLU B 120 -30.60 -16.76 -38.51
C GLU B 120 -31.67 -17.52 -37.74
N GLU B 121 -32.38 -16.81 -36.88
CA GLU B 121 -33.48 -17.33 -36.06
C GLU B 121 -34.57 -17.98 -36.92
N ASN B 122 -34.69 -17.50 -38.16
CA ASN B 122 -35.52 -18.14 -39.16
C ASN B 122 -34.73 -19.04 -40.17
N GLU B 123 -33.74 -19.78 -39.68
CA GLU B 123 -32.87 -20.59 -40.56
C GLU B 123 -33.60 -21.84 -41.06
N PHE B 150 -14.57 -17.89 -32.03
CA PHE B 150 -15.57 -16.93 -31.59
C PHE B 150 -15.85 -15.88 -32.67
N LYS B 151 -17.12 -15.54 -32.82
CA LYS B 151 -17.56 -14.45 -33.68
C LYS B 151 -17.00 -13.13 -33.13
N THR B 152 -16.81 -12.15 -34.01
CA THR B 152 -16.35 -10.82 -33.61
C THR B 152 -17.52 -9.84 -33.63
N ILE B 153 -17.59 -8.96 -32.63
CA ILE B 153 -18.61 -7.91 -32.53
C ILE B 153 -17.97 -6.56 -32.30
N LYS B 154 -18.72 -5.51 -32.62
CA LYS B 154 -18.26 -4.15 -32.42
C LYS B 154 -19.16 -3.44 -31.42
N PHE B 155 -18.53 -2.74 -30.47
CA PHE B 155 -19.19 -2.01 -29.40
C PHE B 155 -18.91 -0.52 -29.59
N GLY B 156 -19.97 0.28 -29.73
CA GLY B 156 -19.85 1.72 -29.92
C GLY B 156 -19.74 2.42 -28.58
N THR B 157 -18.55 2.96 -28.27
CA THR B 157 -18.30 3.53 -26.95
C THR B 157 -17.96 5.00 -26.92
N ASN B 158 -18.11 5.59 -25.73
CA ASN B 158 -17.58 6.91 -25.40
C ASN B 158 -18.01 8.00 -26.36
N ILE B 159 -19.31 8.03 -26.68
CA ILE B 159 -19.83 9.05 -27.58
C ILE B 159 -20.09 10.31 -26.74
N ASP B 160 -19.45 11.41 -27.12
CA ASP B 160 -19.38 12.61 -26.29
C ASP B 160 -20.63 13.48 -26.50
N LEU B 161 -21.49 13.57 -25.48
CA LEU B 161 -22.69 14.39 -25.56
C LEU B 161 -22.56 15.72 -24.79
N SER B 162 -21.36 16.27 -24.74
CA SER B 162 -21.13 17.48 -23.98
C SER B 162 -21.62 18.77 -24.68
N ASP B 163 -21.71 18.80 -26.00
CA ASP B 163 -22.03 20.07 -26.69
C ASP B 163 -23.53 20.34 -26.62
N ASN B 164 -23.90 21.32 -25.79
CA ASN B 164 -25.30 21.75 -25.65
C ASN B 164 -25.98 22.22 -26.96
N LYS B 165 -25.20 22.81 -27.86
CA LYS B 165 -25.72 23.23 -29.16
C LYS B 165 -26.06 22.04 -30.06
N LYS B 166 -25.33 20.93 -29.92
CA LYS B 166 -25.62 19.74 -30.72
C LYS B 166 -26.64 18.78 -30.13
N TRP B 167 -26.85 18.84 -28.80
CA TRP B 167 -27.67 17.85 -28.08
C TRP B 167 -28.64 18.54 -27.10
N LYS B 168 -29.16 19.70 -27.48
CA LYS B 168 -29.95 20.55 -26.56
C LYS B 168 -31.13 19.79 -25.93
N LEU B 169 -31.91 19.11 -26.76
CA LEU B 169 -33.10 18.41 -26.26
C LEU B 169 -32.75 17.18 -25.42
N GLN B 170 -31.67 16.48 -25.81
CA GLN B 170 -31.23 15.28 -25.06
C GLN B 170 -30.87 15.70 -23.65
N LEU B 171 -30.03 16.72 -23.54
CA LEU B 171 -29.58 17.23 -22.25
C LEU B 171 -30.66 17.91 -21.42
N HIS B 172 -31.59 18.59 -22.09
CA HIS B 172 -32.73 19.14 -21.37
C HIS B 172 -33.53 18.04 -20.69
N GLU B 173 -33.78 16.94 -21.40
CA GLU B 173 -34.52 15.81 -20.86
C GLU B 173 -33.96 15.27 -19.54
N LEU B 174 -32.64 15.29 -19.41
CA LEU B 174 -31.97 14.79 -18.22
C LEU B 174 -32.06 15.74 -17.00
N THR B 175 -32.42 17.02 -17.23
CA THR B 175 -32.74 17.93 -16.10
C THR B 175 -34.06 17.59 -15.36
N LYS B 176 -34.85 16.66 -15.89
CA LYS B 176 -36.06 16.19 -15.20
C LYS B 176 -35.78 15.13 -14.13
N LEU B 177 -34.53 14.68 -14.05
CA LEU B 177 -34.13 13.73 -13.01
C LEU B 177 -34.13 14.39 -11.63
N PRO B 178 -34.22 13.57 -10.57
CA PRO B 178 -34.00 14.13 -9.24
C PRO B 178 -32.61 14.75 -9.14
N ALA B 179 -32.55 15.86 -8.40
CA ALA B 179 -31.33 16.65 -8.26
C ALA B 179 -30.08 15.85 -7.97
N PHE B 180 -30.18 14.84 -7.10
CA PHE B 180 -29.02 14.07 -6.69
C PHE B 180 -28.38 13.24 -7.84
N ALA B 181 -29.18 12.88 -8.85
CA ALA B 181 -28.73 12.12 -10.01
C ALA B 181 -28.39 12.96 -11.26
N ARG B 182 -28.58 14.28 -11.20
CA ARG B 182 -28.37 15.13 -12.38
C ARG B 182 -26.88 15.36 -12.66
N VAL B 183 -26.58 15.68 -13.91
CA VAL B 183 -25.24 15.98 -14.39
C VAL B 183 -24.71 17.21 -13.69
N VAL B 184 -25.59 18.21 -13.52
CA VAL B 184 -25.22 19.47 -12.87
C VAL B 184 -26.13 19.69 -11.67
N SER B 185 -25.54 19.93 -10.49
CA SER B 185 -26.31 20.36 -9.32
C SER B 185 -25.42 20.89 -8.22
N ALA B 186 -26.03 21.67 -7.34
CA ALA B 186 -25.33 22.28 -6.21
C ALA B 186 -24.80 21.24 -5.23
N GLY B 187 -25.44 20.08 -5.13
CA GLY B 187 -24.97 18.97 -4.28
C GLY B 187 -24.06 17.92 -4.95
N ASN B 188 -23.45 18.27 -6.07
CA ASN B 188 -22.59 17.35 -6.84
C ASN B 188 -21.20 17.93 -6.77
N LEU B 189 -20.26 17.24 -6.15
CA LEU B 189 -18.88 17.74 -6.07
C LEU B 189 -18.28 18.10 -7.43
N LEU B 190 -18.67 17.37 -8.47
CA LEU B 190 -18.15 17.59 -9.81
C LEU B 190 -18.64 18.87 -10.45
N THR B 191 -19.75 19.42 -9.95
CA THR B 191 -20.20 20.75 -10.35
C THR B 191 -19.29 21.80 -9.76
N HIS B 192 -18.77 21.54 -8.56
CA HIS B 192 -17.86 22.46 -7.88
C HIS B 192 -16.42 22.44 -8.35
N VAL B 193 -16.09 21.49 -9.22
CA VAL B 193 -14.78 21.46 -9.84
C VAL B 193 -14.54 22.77 -10.56
N GLY B 194 -15.58 23.25 -11.26
CA GLY B 194 -15.55 24.53 -11.93
C GLY B 194 -15.13 24.49 -13.38
N HIS B 195 -14.94 23.29 -13.93
CA HIS B 195 -14.63 23.10 -15.34
C HIS B 195 -15.00 21.68 -15.74
N THR B 196 -14.96 21.44 -17.05
CA THR B 196 -15.33 20.16 -17.64
C THR B 196 -14.31 19.07 -17.36
N ILE B 197 -14.81 17.90 -16.96
CA ILE B 197 -14.03 16.70 -16.92
C ILE B 197 -14.84 15.75 -17.78
N LEU B 198 -14.30 15.50 -18.97
CA LEU B 198 -15.03 14.87 -20.03
C LEU B 198 -15.48 13.49 -19.59
N GLY B 199 -16.78 13.21 -19.68
CA GLY B 199 -17.32 11.93 -19.30
C GLY B 199 -17.68 11.79 -17.85
N MET B 200 -17.29 12.76 -17.00
CA MET B 200 -17.67 12.73 -15.59
C MET B 200 -18.78 13.75 -15.36
N ASN B 201 -18.50 15.03 -15.59
CA ASN B 201 -19.56 16.05 -15.54
C ASN B 201 -20.15 16.39 -16.90
N THR B 202 -19.94 15.51 -17.87
CA THR B 202 -20.62 15.52 -19.15
C THR B 202 -21.07 14.08 -19.45
N VAL B 203 -22.09 13.96 -20.30
CA VAL B 203 -22.71 12.69 -20.60
C VAL B 203 -21.97 11.95 -21.71
N GLN B 204 -21.87 10.65 -21.56
CA GLN B 204 -21.39 9.78 -22.59
C GLN B 204 -22.45 8.76 -22.95
N LEU B 205 -22.52 8.44 -24.25
CA LEU B 205 -23.49 7.52 -24.79
C LEU B 205 -22.72 6.32 -25.33
N TYR B 206 -23.35 5.15 -25.21
CA TYR B 206 -22.84 3.85 -25.65
C TYR B 206 -23.90 3.21 -26.53
N MET B 207 -23.49 2.64 -27.66
CA MET B 207 -24.40 2.01 -28.59
C MET B 207 -23.92 0.57 -28.70
N LYS B 208 -24.80 -0.38 -28.39
CA LYS B 208 -24.39 -1.77 -28.17
C LYS B 208 -25.11 -2.75 -29.08
N VAL B 209 -24.43 -3.88 -29.29
CA VAL B 209 -25.01 -5.11 -29.81
C VAL B 209 -24.81 -6.21 -28.75
N PRO B 210 -25.54 -7.34 -28.87
CA PRO B 210 -25.40 -8.40 -27.89
C PRO B 210 -23.97 -8.88 -27.76
N GLY B 211 -23.52 -9.02 -26.52
CA GLY B 211 -22.15 -9.37 -26.25
C GLY B 211 -21.19 -8.20 -26.08
N SER B 212 -21.62 -6.97 -26.32
CA SER B 212 -20.81 -5.79 -26.05
C SER B 212 -20.50 -5.68 -24.54
N ARG B 213 -19.22 -5.79 -24.18
CA ARG B 213 -18.78 -5.93 -22.77
C ARG B 213 -17.98 -4.75 -22.31
N THR B 214 -18.30 -4.30 -21.10
CA THR B 214 -17.59 -3.27 -20.38
C THR B 214 -16.78 -4.04 -19.32
N PRO B 215 -15.42 -4.03 -19.45
CA PRO B 215 -14.62 -4.80 -18.51
C PRO B 215 -14.61 -4.23 -17.10
N GLY B 216 -14.13 -5.06 -16.17
CA GLY B 216 -14.08 -4.74 -14.75
C GLY B 216 -13.31 -3.49 -14.43
N HIS B 217 -13.92 -2.62 -13.65
CA HIS B 217 -13.26 -1.37 -13.26
C HIS B 217 -13.97 -0.69 -12.11
N GLN B 218 -13.27 0.28 -11.56
CA GLN B 218 -13.84 1.28 -10.68
C GLN B 218 -13.89 2.59 -11.43
N GLU B 219 -14.78 3.48 -11.01
CA GLU B 219 -14.87 4.81 -11.61
C GLU B 219 -13.64 5.67 -11.35
N ASN B 220 -13.45 6.71 -12.16
CA ASN B 220 -12.33 7.64 -11.94
C ASN B 220 -12.44 8.28 -10.57
N ASN B 221 -11.34 8.26 -9.81
CA ASN B 221 -11.31 8.74 -8.42
C ASN B 221 -12.48 8.27 -7.53
N ASN B 222 -12.94 7.05 -7.78
CA ASN B 222 -14.05 6.42 -7.06
C ASN B 222 -15.34 7.25 -6.95
N PHE B 223 -15.63 8.04 -7.97
CA PHE B 223 -16.88 8.80 -7.99
C PHE B 223 -18.05 7.90 -8.34
N CYS B 224 -19.20 8.17 -7.74
CA CYS B 224 -20.45 7.49 -8.13
C CYS B 224 -20.77 7.67 -9.63
N SER B 225 -21.51 6.74 -10.19
CA SER B 225 -21.92 6.79 -11.60
C SER B 225 -23.44 6.57 -11.70
N VAL B 226 -24.05 7.25 -12.66
CA VAL B 226 -25.44 7.09 -13.05
C VAL B 226 -25.44 6.53 -14.47
N ASN B 227 -26.26 5.51 -14.71
CA ASN B 227 -26.38 4.89 -16.03
C ASN B 227 -27.86 4.59 -16.30
N ILE B 228 -28.37 5.07 -17.42
CA ILE B 228 -29.75 4.76 -17.86
C ILE B 228 -29.70 3.91 -19.15
N ASN B 229 -30.40 2.79 -19.14
CA ASN B 229 -30.56 1.97 -20.35
C ASN B 229 -31.70 2.56 -21.18
N ILE B 230 -31.38 2.86 -22.43
CA ILE B 230 -32.31 3.44 -23.39
C ILE B 230 -33.17 2.35 -24.03
N GLY B 231 -32.62 1.15 -24.09
CA GLY B 231 -33.29 0.05 -24.74
C GLY B 231 -32.99 0.04 -26.23
N PRO B 232 -33.70 -0.82 -26.99
CA PRO B 232 -34.84 -1.64 -26.55
C PRO B 232 -34.51 -2.89 -25.71
N GLY B 233 -33.26 -3.39 -25.79
CA GLY B 233 -32.86 -4.59 -25.08
C GLY B 233 -32.26 -4.30 -23.71
N ASP B 234 -31.82 -5.36 -23.04
CA ASP B 234 -31.36 -5.33 -21.66
C ASP B 234 -29.86 -5.43 -21.55
N CYS B 235 -29.34 -4.96 -20.40
CA CYS B 235 -27.94 -5.13 -19.99
C CYS B 235 -27.86 -5.96 -18.71
N GLU B 236 -26.79 -6.75 -18.61
CA GLU B 236 -26.54 -7.56 -17.43
C GLU B 236 -25.32 -6.98 -16.69
N TRP B 237 -25.53 -6.66 -15.43
CA TRP B 237 -24.53 -6.07 -14.56
C TRP B 237 -23.98 -7.08 -13.56
N PHE B 238 -22.69 -6.91 -13.25
CA PHE B 238 -22.00 -7.67 -12.23
C PHE B 238 -21.30 -6.67 -11.32
N VAL B 239 -21.56 -6.77 -10.01
CA VAL B 239 -21.09 -5.79 -9.03
C VAL B 239 -20.41 -6.44 -7.81
N VAL B 240 -19.28 -5.86 -7.40
CA VAL B 240 -18.53 -6.26 -6.20
C VAL B 240 -18.37 -5.01 -5.29
N PRO B 241 -18.65 -5.13 -3.98
CA PRO B 241 -18.52 -3.92 -3.16
C PRO B 241 -17.09 -3.39 -3.07
N GLU B 242 -16.99 -2.10 -2.77
CA GLU B 242 -15.73 -1.38 -2.73
C GLU B 242 -14.72 -2.05 -1.80
N ASP B 243 -15.19 -2.53 -0.64
CA ASP B 243 -14.24 -3.08 0.36
C ASP B 243 -13.56 -4.39 -0.07
N TYR B 244 -14.03 -5.06 -1.13
CA TYR B 244 -13.34 -6.23 -1.72
C TYR B 244 -12.38 -5.88 -2.86
N TRP B 245 -12.13 -4.61 -3.15
CA TRP B 245 -11.34 -4.32 -4.33
C TRP B 245 -9.89 -4.81 -4.23
N GLY B 246 -9.34 -4.77 -3.02
CA GLY B 246 -8.02 -5.33 -2.74
C GLY B 246 -7.86 -6.80 -3.09
N VAL B 247 -8.94 -7.57 -2.94
CA VAL B 247 -8.95 -9.00 -3.31
C VAL B 247 -8.81 -9.12 -4.82
N LEU B 248 -9.53 -8.29 -5.58
CA LEU B 248 -9.44 -8.32 -7.05
C LEU B 248 -8.11 -7.74 -7.51
N ASN B 249 -7.64 -6.67 -6.87
CA ASN B 249 -6.29 -6.15 -7.15
C ASN B 249 -5.22 -7.23 -6.93
N ASP B 250 -5.35 -8.00 -5.85
CA ASP B 250 -4.39 -9.10 -5.55
C ASP B 250 -4.39 -10.17 -6.67
N PHE B 251 -5.57 -10.54 -7.14
CA PHE B 251 -5.68 -11.47 -8.26
C PHE B 251 -4.94 -10.93 -9.48
N CYS B 252 -5.18 -9.67 -9.80
CA CYS B 252 -4.54 -9.06 -10.95
C CYS B 252 -3.02 -9.11 -10.86
N GLU B 253 -2.48 -8.63 -9.74
CA GLU B 253 -1.02 -8.70 -9.49
C GLU B 253 -0.40 -10.11 -9.64
N LYS B 254 -1.12 -11.14 -9.25
CA LYS B 254 -0.62 -12.51 -9.37
C LYS B 254 -0.87 -13.20 -10.71
N ASN B 255 -1.51 -12.50 -11.65
CA ASN B 255 -1.79 -13.02 -12.98
C ASN B 255 -1.41 -12.02 -14.06
N ASN B 256 -0.39 -11.22 -13.78
CA ASN B 256 0.19 -10.29 -14.72
C ASN B 256 -0.83 -9.33 -15.38
N LEU B 257 -1.76 -8.82 -14.57
CA LEU B 257 -2.71 -7.80 -15.03
C LEU B 257 -2.55 -6.53 -14.22
N ASN B 258 -2.69 -5.39 -14.88
CA ASN B 258 -2.79 -4.13 -14.19
C ASN B 258 -4.28 -3.90 -13.89
N PHE B 259 -4.61 -3.83 -12.61
CA PHE B 259 -5.98 -3.65 -12.17
C PHE B 259 -6.62 -2.39 -12.81
N LEU B 260 -5.93 -1.26 -12.73
CA LEU B 260 -6.46 0.03 -13.23
C LEU B 260 -6.46 0.18 -14.75
N MET B 261 -5.49 -0.43 -15.44
CA MET B 261 -5.23 -0.15 -16.86
C MET B 261 -5.50 -1.31 -17.82
N SER B 262 -5.47 -2.56 -17.37
CA SER B 262 -5.76 -3.71 -18.26
C SER B 262 -7.26 -3.93 -18.38
N SER B 263 -7.66 -4.61 -19.47
CA SER B 263 -9.02 -5.06 -19.64
C SER B 263 -9.18 -6.48 -19.10
N TRP B 264 -10.03 -6.63 -18.10
CA TRP B 264 -10.31 -7.96 -17.55
C TRP B 264 -11.79 -8.22 -17.28
N TRP B 265 -12.16 -9.49 -17.38
CA TRP B 265 -13.52 -9.96 -17.16
C TRP B 265 -13.41 -11.05 -16.12
N PRO B 266 -13.83 -10.79 -14.87
CA PRO B 266 -13.64 -11.80 -13.83
C PRO B 266 -14.37 -13.13 -14.07
N ASN B 267 -13.67 -14.21 -13.73
CA ASN B 267 -14.20 -15.55 -13.70
C ASN B 267 -14.89 -15.69 -12.37
N LEU B 268 -16.21 -15.84 -12.41
CA LEU B 268 -17.03 -15.92 -11.21
C LEU B 268 -16.64 -17.07 -10.27
N GLU B 269 -16.07 -18.14 -10.81
CA GLU B 269 -15.56 -19.25 -10.00
C GLU B 269 -14.38 -18.81 -9.13
N ASP B 270 -13.45 -18.05 -9.70
CA ASP B 270 -12.36 -17.47 -8.92
C ASP B 270 -12.90 -16.60 -7.78
N LEU B 271 -13.92 -15.79 -8.06
CA LEU B 271 -14.47 -14.89 -7.03
C LEU B 271 -15.21 -15.64 -5.93
N TYR B 272 -15.96 -16.67 -6.32
CA TYR B 272 -16.64 -17.53 -5.36
C TYR B 272 -15.64 -18.22 -4.42
N GLU B 273 -14.62 -18.84 -5.01
CA GLU B 273 -13.48 -19.45 -4.31
C GLU B 273 -12.75 -18.48 -3.37
N ALA B 274 -12.72 -17.19 -3.71
CA ALA B 274 -12.09 -16.16 -2.88
C ALA B 274 -13.04 -15.50 -1.88
N ASN B 275 -14.25 -16.05 -1.73
CA ASN B 275 -15.28 -15.48 -0.87
C ASN B 275 -15.70 -14.03 -1.18
N VAL B 276 -15.69 -13.67 -2.47
CA VAL B 276 -16.12 -12.33 -2.88
C VAL B 276 -17.57 -12.41 -3.33
N PRO B 277 -18.49 -11.69 -2.64
CA PRO B 277 -19.87 -11.64 -3.11
C PRO B 277 -20.01 -10.85 -4.44
N VAL B 278 -20.89 -11.34 -5.31
CA VAL B 278 -21.11 -10.74 -6.62
C VAL B 278 -22.59 -10.46 -6.72
N TYR B 279 -22.92 -9.18 -6.92
CA TYR B 279 -24.28 -8.75 -7.12
C TYR B 279 -24.52 -8.76 -8.64
N ARG B 280 -25.55 -9.46 -9.08
CA ARG B 280 -25.85 -9.49 -10.50
C ARG B 280 -27.32 -9.30 -10.79
N PHE B 281 -27.61 -8.52 -11.83
CA PHE B 281 -28.96 -8.15 -12.15
C PHE B 281 -29.08 -7.67 -13.59
N ILE B 282 -30.32 -7.53 -14.02
CA ILE B 282 -30.64 -7.14 -15.37
C ILE B 282 -31.19 -5.73 -15.29
N GLN B 283 -30.66 -4.86 -16.13
CA GLN B 283 -31.11 -3.49 -16.26
C GLN B 283 -31.95 -3.40 -17.55
N ARG B 284 -33.24 -3.14 -17.39
CA ARG B 284 -34.19 -3.04 -18.50
C ARG B 284 -34.28 -1.61 -18.96
N PRO B 285 -34.86 -1.37 -20.17
CA PRO B 285 -34.99 0.00 -20.66
C PRO B 285 -35.74 0.86 -19.66
N GLY B 286 -35.20 2.04 -19.39
CA GLY B 286 -35.75 2.93 -18.37
C GLY B 286 -35.26 2.75 -16.94
N ASP B 287 -34.57 1.66 -16.64
CA ASP B 287 -34.00 1.49 -15.30
C ASP B 287 -32.72 2.33 -15.15
N LEU B 288 -32.60 3.02 -14.04
CA LEU B 288 -31.39 3.77 -13.70
C LEU B 288 -30.56 2.90 -12.75
N VAL B 289 -29.27 2.77 -13.06
CA VAL B 289 -28.34 2.07 -12.21
C VAL B 289 -27.43 3.09 -11.55
N TRP B 290 -27.39 3.07 -10.22
CA TRP B 290 -26.57 3.94 -9.43
C TRP B 290 -25.40 3.09 -8.95
N ILE B 291 -24.20 3.38 -9.44
CA ILE B 291 -22.99 2.72 -8.97
C ILE B 291 -22.38 3.55 -7.86
N ASN B 292 -22.35 3.01 -6.65
CA ASN B 292 -21.84 3.74 -5.48
C ASN B 292 -20.31 3.87 -5.48
N ALA B 293 -19.80 4.77 -4.64
CA ALA B 293 -18.38 5.17 -4.65
C ALA B 293 -17.45 3.97 -4.54
N GLY B 294 -16.65 3.73 -5.58
CA GLY B 294 -15.64 2.68 -5.54
C GLY B 294 -16.09 1.24 -5.80
N THR B 295 -17.38 1.07 -6.13
CA THR B 295 -17.91 -0.23 -6.47
C THR B 295 -17.25 -0.75 -7.75
N VAL B 296 -16.80 -2.00 -7.69
CA VAL B 296 -16.19 -2.64 -8.84
C VAL B 296 -17.31 -3.26 -9.67
N HIS B 297 -17.27 -3.01 -10.98
CA HIS B 297 -18.33 -3.49 -11.85
C HIS B 297 -17.90 -3.79 -13.28
N TRP B 298 -18.64 -4.70 -13.90
CA TRP B 298 -18.54 -5.02 -15.31
C TRP B 298 -19.96 -5.31 -15.85
N VAL B 299 -20.14 -5.13 -17.16
CA VAL B 299 -21.46 -5.11 -17.78
C VAL B 299 -21.38 -5.75 -19.15
N GLN B 300 -22.45 -6.45 -19.55
CA GLN B 300 -22.59 -6.91 -20.93
C GLN B 300 -24.01 -6.64 -21.47
N ALA B 301 -24.10 -6.22 -22.73
CA ALA B 301 -25.40 -6.13 -23.40
C ALA B 301 -25.95 -7.55 -23.67
N VAL B 302 -27.22 -7.76 -23.33
CA VAL B 302 -27.94 -8.99 -23.66
C VAL B 302 -28.67 -8.78 -25.00
N GLY B 303 -29.23 -7.59 -25.20
CA GLY B 303 -29.89 -7.20 -26.44
C GLY B 303 -29.16 -6.12 -27.22
N TRP B 304 -29.90 -5.51 -28.13
CA TRP B 304 -29.48 -4.33 -28.84
C TRP B 304 -30.01 -3.18 -27.98
N CYS B 305 -29.13 -2.30 -27.53
CA CYS B 305 -29.53 -1.12 -26.78
C CYS B 305 -28.48 -0.04 -26.79
N ASN B 306 -28.86 1.12 -26.28
CA ASN B 306 -27.95 2.21 -26.02
C ASN B 306 -28.03 2.52 -24.54
N ASN B 307 -26.94 3.06 -24.01
CA ASN B 307 -26.89 3.52 -22.61
C ASN B 307 -26.26 4.87 -22.53
N ILE B 308 -26.69 5.67 -21.55
CA ILE B 308 -26.07 6.95 -21.26
C ILE B 308 -25.53 6.93 -19.83
N ALA B 309 -24.43 7.63 -19.59
CA ALA B 309 -23.79 7.61 -18.27
C ALA B 309 -22.99 8.84 -17.95
N TRP B 310 -22.91 9.14 -16.67
CA TRP B 310 -22.13 10.25 -16.15
C TRP B 310 -21.84 9.97 -14.69
N ASN B 311 -21.00 10.81 -14.08
CA ASN B 311 -20.63 10.65 -12.68
C ASN B 311 -21.28 11.73 -11.84
N VAL B 312 -21.37 11.44 -10.55
CA VAL B 312 -21.88 12.36 -9.54
C VAL B 312 -21.02 12.13 -8.33
N GLY B 313 -20.76 13.20 -7.56
CA GLY B 313 -20.08 13.12 -6.27
C GLY B 313 -20.96 13.65 -5.16
N PRO B 314 -21.68 12.77 -4.44
CA PRO B 314 -22.46 13.23 -3.28
C PRO B 314 -21.55 13.96 -2.25
N LEU B 315 -22.09 14.96 -1.57
CA LEU B 315 -21.35 15.67 -0.50
C LEU B 315 -21.33 14.81 0.76
N THR B 316 -20.60 13.71 0.75
CA THR B 316 -20.52 12.81 1.92
C THR B 316 -19.07 12.54 2.28
N ALA B 317 -18.84 12.28 3.56
CA ALA B 317 -17.54 11.84 4.05
C ALA B 317 -17.01 10.61 3.30
N CYS B 318 -17.89 9.67 2.98
CA CYS B 318 -17.49 8.45 2.29
C CYS B 318 -16.97 8.74 0.87
N GLN B 319 -17.69 9.59 0.13
CA GLN B 319 -17.29 9.93 -1.24
C GLN B 319 -15.95 10.68 -1.27
N TYR B 320 -15.82 11.63 -0.36
CA TYR B 320 -14.60 12.44 -0.28
C TYR B 320 -13.41 11.55 0.12
N LYS B 321 -13.60 10.72 1.14
CA LYS B 321 -12.55 9.81 1.59
C LYS B 321 -12.08 8.91 0.44
N LEU B 322 -13.02 8.28 -0.26
CA LEU B 322 -12.66 7.34 -1.33
C LEU B 322 -12.02 8.03 -2.51
N ALA B 323 -12.43 9.25 -2.80
CA ALA B 323 -11.82 10.02 -3.85
C ALA B 323 -10.38 10.45 -3.51
N VAL B 324 -10.16 10.89 -2.28
CA VAL B 324 -8.81 11.17 -1.83
C VAL B 324 -7.91 9.92 -1.84
N GLU B 325 -8.44 8.79 -1.39
CA GLU B 325 -7.65 7.54 -1.37
C GLU B 325 -7.21 7.15 -2.79
N ARG B 326 -8.15 7.13 -3.72
CA ARG B 326 -7.80 6.76 -5.10
C ARG B 326 -6.89 7.83 -5.72
N TYR B 327 -7.09 9.11 -5.38
CA TYR B 327 -6.17 10.17 -5.83
C TYR B 327 -4.70 9.90 -5.39
N GLU B 328 -4.53 9.42 -4.18
CA GLU B 328 -3.21 9.09 -3.68
C GLU B 328 -2.70 7.74 -4.27
N TRP B 329 -3.59 6.75 -4.42
CA TRP B 329 -3.21 5.49 -5.01
C TRP B 329 -2.73 5.67 -6.44
N ASN B 330 -3.41 6.55 -7.19
CA ASN B 330 -3.02 6.86 -8.56
C ASN B 330 -1.58 7.39 -8.67
N LYS B 331 -1.14 8.19 -7.70
CA LYS B 331 0.24 8.67 -7.69
C LYS B 331 1.23 7.52 -7.53
N LEU B 332 0.97 6.61 -6.60
CA LEU B 332 1.81 5.41 -6.48
C LEU B 332 1.89 4.57 -7.76
N LYS B 333 0.79 4.52 -8.50
CA LYS B 333 0.73 3.74 -9.74
C LYS B 333 1.07 4.53 -10.99
N SER B 334 1.50 5.79 -10.84
CA SER B 334 1.80 6.69 -11.94
C SER B 334 0.68 6.81 -12.99
N VAL B 335 -0.56 6.88 -12.50
CA VAL B 335 -1.74 7.11 -13.31
C VAL B 335 -2.28 8.53 -13.04
N LYS B 336 -2.71 9.20 -14.08
CA LYS B 336 -3.29 10.53 -13.92
C LYS B 336 -4.70 10.44 -13.25
N SER B 337 -4.93 11.31 -12.27
CA SER B 337 -6.26 11.47 -11.63
C SER B 337 -7.09 12.41 -12.49
N PRO B 338 -8.19 11.90 -13.08
CA PRO B 338 -9.02 12.83 -13.83
C PRO B 338 -9.70 13.89 -12.97
N VAL B 339 -9.87 13.63 -11.67
CA VAL B 339 -10.44 14.65 -10.79
C VAL B 339 -9.32 15.33 -9.99
N PRO B 340 -9.19 16.66 -10.14
CA PRO B 340 -8.10 17.38 -9.47
C PRO B 340 -8.48 17.72 -8.03
N MET B 341 -8.18 16.79 -7.12
CA MET B 341 -8.68 16.84 -5.75
C MET B 341 -8.19 18.02 -4.91
N VAL B 342 -7.03 18.58 -5.22
CA VAL B 342 -6.54 19.78 -4.51
C VAL B 342 -7.41 20.97 -4.91
N HIS B 343 -7.51 21.20 -6.20
CA HIS B 343 -8.32 22.28 -6.77
C HIS B 343 -9.76 22.19 -6.29
N LEU B 344 -10.31 20.99 -6.34
CA LEU B 344 -11.68 20.74 -5.88
C LEU B 344 -11.83 21.06 -4.40
N SER B 345 -10.89 20.62 -3.57
CA SER B 345 -11.01 20.85 -2.12
C SER B 345 -11.06 22.36 -1.81
N TRP B 346 -10.23 23.17 -2.49
CA TRP B 346 -10.27 24.63 -2.31
C TRP B 346 -11.62 25.21 -2.75
N ASN B 347 -12.17 24.73 -3.86
CA ASN B 347 -13.51 25.18 -4.28
C ASN B 347 -14.61 24.76 -3.31
N MET B 348 -14.49 23.58 -2.71
CA MET B 348 -15.43 23.15 -1.68
C MET B 348 -15.38 24.11 -0.48
N ALA B 349 -14.18 24.49 -0.06
CA ALA B 349 -14.00 25.41 1.05
C ALA B 349 -14.54 26.81 0.76
N ARG B 350 -14.47 27.24 -0.50
CA ARG B 350 -15.01 28.52 -0.94
C ARG B 350 -16.53 28.54 -1.00
N ASN B 351 -17.13 27.48 -1.53
CA ASN B 351 -18.53 27.48 -1.94
C ASN B 351 -19.49 26.75 -1.04
N ILE B 352 -19.02 25.77 -0.28
CA ILE B 352 -19.91 24.85 0.39
C ILE B 352 -19.79 25.04 1.89
N LYS B 353 -20.93 25.09 2.56
CA LYS B 353 -20.98 25.13 4.02
C LYS B 353 -21.22 23.71 4.51
N VAL B 354 -20.23 23.15 5.23
CA VAL B 354 -20.26 21.75 5.61
C VAL B 354 -20.77 21.59 7.03
N SER B 355 -21.72 20.68 7.24
CA SER B 355 -22.30 20.43 8.56
C SER B 355 -22.03 19.04 9.14
N ASP B 356 -21.58 18.10 8.32
CA ASP B 356 -21.11 16.81 8.83
C ASP B 356 -19.70 16.97 9.39
N PRO B 357 -19.48 16.69 10.69
CA PRO B 357 -18.15 16.85 11.24
C PRO B 357 -17.07 15.94 10.62
N LYS B 358 -17.40 14.70 10.27
CA LYS B 358 -16.40 13.80 9.67
C LYS B 358 -15.89 14.37 8.36
N LEU B 359 -16.81 14.83 7.50
CA LEU B 359 -16.45 15.41 6.21
C LEU B 359 -15.65 16.70 6.37
N PHE B 360 -16.12 17.57 7.26
CA PHE B 360 -15.44 18.82 7.54
C PHE B 360 -14.01 18.57 7.99
N GLU B 361 -13.82 17.68 8.98
CA GLU B 361 -12.48 17.38 9.48
C GLU B 361 -11.56 16.83 8.37
N MET B 362 -12.08 16.01 7.47
CA MET B 362 -11.27 15.52 6.32
C MET B 362 -10.79 16.66 5.42
N ILE B 363 -11.72 17.52 5.02
CA ILE B 363 -11.41 18.63 4.12
C ILE B 363 -10.45 19.61 4.78
N LYS B 364 -10.75 19.97 6.02
CA LYS B 364 -9.94 20.92 6.79
C LYS B 364 -8.49 20.44 6.94
N TYR B 365 -8.34 19.15 7.21
CA TYR B 365 -7.04 18.49 7.32
C TYR B 365 -6.28 18.56 6.00
N CYS B 366 -6.96 18.23 4.89
CA CYS B 366 -6.32 18.32 3.58
C CYS B 366 -5.91 19.75 3.23
N LEU B 367 -6.78 20.73 3.48
CA LEU B 367 -6.45 22.12 3.15
C LEU B 367 -5.25 22.64 3.87
N LEU B 368 -5.16 22.35 5.17
CA LEU B 368 -4.06 22.81 5.98
C LEU B 368 -2.74 22.21 5.49
N LYS B 369 -2.76 20.92 5.21
CA LYS B 369 -1.61 20.21 4.68
C LYS B 369 -1.11 20.82 3.36
N ILE B 370 -2.05 21.04 2.43
CA ILE B 370 -1.77 21.67 1.15
C ILE B 370 -1.18 23.07 1.34
N LEU B 371 -1.81 23.84 2.24
CA LEU B 371 -1.44 25.24 2.44
C LEU B 371 -0.05 25.36 3.03
N LYS B 372 0.23 24.55 4.07
CA LYS B 372 1.52 24.56 4.73
C LYS B 372 2.65 24.17 3.78
N GLN B 373 2.42 23.13 2.99
CA GLN B 373 3.44 22.65 2.05
C GLN B 373 3.73 23.69 0.97
N TYR B 374 2.68 24.32 0.45
CA TYR B 374 2.84 25.47 -0.43
C TYR B 374 3.63 26.64 0.19
N GLN B 375 3.40 26.94 1.47
CA GLN B 375 4.09 28.03 2.15
C GLN B 375 5.58 27.74 2.31
N THR B 376 5.88 26.51 2.70
CA THR B 376 7.25 26.06 2.84
C THR B 376 8.00 26.10 1.50
N LEU B 377 7.34 25.67 0.43
CA LEU B 377 7.98 25.70 -0.90
C LEU B 377 8.20 27.15 -1.34
N ARG B 378 7.15 27.96 -1.24
CA ARG B 378 7.25 29.36 -1.59
C ARG B 378 8.40 30.04 -0.84
N GLU B 379 8.47 29.85 0.47
CA GLU B 379 9.55 30.45 1.28
C GLU B 379 10.94 29.96 0.86
N ALA B 380 11.08 28.68 0.52
CA ALA B 380 12.36 28.15 0.06
C ALA B 380 12.81 28.81 -1.25
N LEU B 381 11.89 28.94 -2.20
CA LEU B 381 12.15 29.62 -3.46
C LEU B 381 12.60 31.07 -3.27
N VAL B 382 11.86 31.83 -2.47
CA VAL B 382 12.18 33.23 -2.23
C VAL B 382 13.54 33.38 -1.54
N ALA B 383 13.80 32.54 -0.53
CA ALA B 383 15.09 32.56 0.15
C ALA B 383 16.26 32.09 -0.72
N ALA B 384 16.00 31.22 -1.69
CA ALA B 384 17.00 30.89 -2.71
C ALA B 384 17.14 31.98 -3.80
N GLY B 385 16.49 33.14 -3.60
CA GLY B 385 16.55 34.25 -4.53
C GLY B 385 15.70 34.11 -5.78
N LYS B 386 14.82 33.11 -5.83
CA LYS B 386 14.02 32.87 -7.03
C LYS B 386 12.76 33.75 -6.96
N GLU B 387 12.49 34.52 -8.01
CA GLU B 387 11.32 35.39 -8.05
C GLU B 387 10.02 34.59 -8.26
N VAL B 388 8.96 34.98 -7.56
CA VAL B 388 7.65 34.40 -7.82
C VAL B 388 6.88 35.41 -8.63
N ILE B 389 6.49 35.05 -9.84
CA ILE B 389 5.82 35.97 -10.74
C ILE B 389 4.31 35.79 -10.65
N TRP B 390 3.59 36.91 -10.48
CA TRP B 390 2.13 36.89 -10.41
C TRP B 390 1.53 36.61 -11.78
N HIS B 391 0.83 35.51 -11.88
CA HIS B 391 0.24 35.09 -13.14
C HIS B 391 -1.28 35.11 -13.08
N GLY B 392 -1.87 34.82 -11.91
CA GLY B 392 -3.32 34.76 -11.76
C GLY B 392 -3.93 33.64 -12.58
N ARG B 393 -5.23 33.76 -12.83
CA ARG B 393 -5.96 32.84 -13.68
C ARG B 393 -7.32 33.44 -14.01
N THR B 394 -7.96 32.91 -15.03
CA THR B 394 -9.37 33.18 -15.28
C THR B 394 -10.21 32.24 -14.38
N ASN B 395 -11.47 32.60 -14.13
CA ASN B 395 -12.33 31.82 -13.20
C ASN B 395 -12.64 30.38 -13.62
N ASP B 396 -12.83 30.20 -14.92
CA ASP B 396 -13.12 28.88 -15.50
C ASP B 396 -11.86 28.11 -15.89
N GLU B 397 -10.68 28.61 -15.53
CA GLU B 397 -9.42 27.98 -15.94
C GLU B 397 -9.29 26.61 -15.29
N PRO B 398 -9.05 25.57 -16.09
CA PRO B 398 -8.86 24.24 -15.52
C PRO B 398 -7.69 24.13 -14.54
N ALA B 399 -7.73 23.12 -13.68
CA ALA B 399 -6.60 22.72 -12.85
C ALA B 399 -5.45 22.30 -13.78
N HIS B 400 -4.22 22.48 -13.33
CA HIS B 400 -3.04 22.12 -14.10
C HIS B 400 -2.36 20.86 -13.58
N TYR B 401 -1.87 20.05 -14.52
CA TYR B 401 -1.12 18.84 -14.23
C TYR B 401 0.32 18.96 -14.79
N CYS B 402 1.29 18.29 -14.17
CA CYS B 402 2.67 18.31 -14.66
C CYS B 402 2.74 17.63 -16.02
N SER B 403 3.34 18.30 -17.00
CA SER B 403 3.49 17.76 -18.35
C SER B 403 4.42 16.54 -18.44
N ILE B 404 5.20 16.29 -17.40
CA ILE B 404 6.05 15.09 -17.33
C ILE B 404 5.36 13.96 -16.57
N CYS B 405 5.12 14.15 -15.27
CA CYS B 405 4.67 13.07 -14.39
C CYS B 405 3.15 13.00 -14.20
N GLU B 406 2.42 13.98 -14.76
CA GLU B 406 0.95 14.07 -14.68
C GLU B 406 0.31 14.23 -13.28
N VAL B 407 1.09 14.58 -12.26
CA VAL B 407 0.54 14.96 -10.96
C VAL B 407 -0.15 16.32 -11.07
N GLU B 408 -1.16 16.54 -10.25
CA GLU B 408 -1.80 17.83 -10.18
C GLU B 408 -0.80 18.84 -9.60
N VAL B 409 -0.79 20.03 -10.18
CA VAL B 409 0.06 21.13 -9.71
C VAL B 409 -0.89 22.22 -9.20
N PHE B 410 -0.71 22.63 -7.96
CA PHE B 410 -1.58 23.66 -7.33
C PHE B 410 -0.81 24.95 -7.17
N ASN B 411 -1.31 26.01 -7.76
CA ASN B 411 -0.83 27.38 -7.56
C ASN B 411 0.51 27.74 -8.21
N LEU B 412 1.63 27.23 -7.69
CA LEU B 412 2.93 27.54 -8.28
C LEU B 412 3.19 26.63 -9.49
N LEU B 413 3.27 27.23 -10.67
CA LEU B 413 3.53 26.51 -11.91
C LEU B 413 4.98 26.76 -12.27
N PHE B 414 5.68 25.71 -12.67
CA PHE B 414 7.07 25.83 -13.08
C PHE B 414 7.14 25.73 -14.58
N VAL B 415 7.49 26.85 -15.20
CA VAL B 415 7.42 26.97 -16.63
C VAL B 415 8.81 27.40 -17.11
N THR B 416 9.27 26.85 -18.23
CA THR B 416 10.60 27.17 -18.72
C THR B 416 10.65 28.64 -19.12
N ASN B 417 11.84 29.23 -19.06
CA ASN B 417 12.02 30.61 -19.56
C ASN B 417 11.43 30.82 -20.95
N GLU B 418 11.63 29.82 -21.82
CA GLU B 418 11.21 29.90 -23.21
C GLU B 418 9.71 29.76 -23.37
N SER B 419 9.10 28.83 -22.63
CA SER B 419 7.65 28.61 -22.68
C SER B 419 6.93 29.85 -22.12
N ASN B 420 7.51 30.45 -21.08
CA ASN B 420 7.00 31.70 -20.55
C ASN B 420 7.06 32.83 -21.59
N THR B 421 8.19 32.96 -22.28
CA THR B 421 8.35 33.99 -23.33
C THR B 421 7.36 33.78 -24.49
N GLN B 422 7.20 32.54 -24.94
CA GLN B 422 6.23 32.23 -25.98
C GLN B 422 4.77 32.21 -25.49
N LYS B 423 4.55 32.35 -24.18
CA LYS B 423 3.20 32.31 -23.59
C LYS B 423 2.44 31.02 -23.93
N THR B 424 3.16 29.91 -24.01
CA THR B 424 2.59 28.57 -24.04
C THR B 424 2.36 28.02 -22.62
N TYR B 425 3.13 28.53 -21.65
CA TYR B 425 2.96 28.22 -20.23
C TYR B 425 2.80 26.71 -19.94
N ILE B 426 3.78 25.93 -20.40
CA ILE B 426 3.75 24.48 -20.25
C ILE B 426 4.16 24.14 -18.80
N VAL B 427 3.25 23.53 -18.06
CA VAL B 427 3.41 23.38 -16.63
C VAL B 427 4.28 22.17 -16.24
N HIS B 428 5.18 22.40 -15.28
CA HIS B 428 5.89 21.34 -14.55
C HIS B 428 5.61 21.47 -13.07
N CYS B 429 5.67 20.34 -12.36
CA CYS B 429 5.77 20.34 -10.89
C CYS B 429 7.20 20.69 -10.49
N HIS B 430 7.35 21.15 -9.25
CA HIS B 430 8.65 21.52 -8.71
C HIS B 430 9.69 20.43 -8.89
N ASP B 431 9.31 19.22 -8.53
CA ASP B 431 10.17 18.04 -8.61
C ASP B 431 10.71 17.77 -10.03
N CYS B 432 9.81 17.71 -11.01
CA CYS B 432 10.23 17.50 -12.39
C CYS B 432 11.06 18.66 -12.93
N ALA B 433 10.77 19.89 -12.50
CA ALA B 433 11.56 21.03 -12.91
C ALA B 433 13.00 20.92 -12.37
N ARG B 434 13.14 20.50 -11.10
CA ARG B 434 14.45 20.34 -10.47
C ARG B 434 15.30 19.24 -11.07
N LYS B 435 14.66 18.12 -11.42
CA LYS B 435 15.33 17.03 -12.10
C LYS B 435 15.95 17.44 -13.44
N THR B 436 15.28 18.35 -14.16
CA THR B 436 15.72 18.93 -15.44
C THR B 436 16.78 20.00 -15.26
N SER B 437 16.52 20.92 -14.33
CA SER B 437 17.31 22.13 -14.14
C SER B 437 17.61 22.30 -12.64
N LYS B 438 18.83 21.93 -12.24
CA LYS B 438 19.16 21.72 -10.81
C LYS B 438 18.97 22.93 -9.90
N SER B 439 19.26 24.15 -10.37
CA SER B 439 18.97 25.35 -9.59
C SER B 439 17.77 26.11 -10.09
N LEU B 440 16.94 25.48 -10.91
CA LEU B 440 15.81 26.11 -11.60
C LEU B 440 16.21 27.29 -12.46
N GLU B 441 17.47 27.27 -12.94
CA GLU B 441 17.98 28.33 -13.82
C GLU B 441 17.19 28.40 -15.17
N ASN B 442 16.58 27.30 -15.57
CA ASN B 442 15.79 27.27 -16.80
C ASN B 442 14.31 27.58 -16.64
N PHE B 443 13.86 27.89 -15.43
CA PHE B 443 12.43 27.98 -15.12
C PHE B 443 12.06 29.33 -14.50
N VAL B 444 10.84 29.76 -14.75
CA VAL B 444 10.19 30.81 -13.96
C VAL B 444 9.13 30.12 -13.08
N VAL B 445 8.81 30.76 -11.95
CA VAL B 445 7.77 30.29 -11.04
C VAL B 445 6.59 31.24 -11.16
N LEU B 446 5.45 30.71 -11.56
CA LEU B 446 4.24 31.48 -11.76
C LEU B 446 3.24 31.17 -10.65
N GLU B 447 2.62 32.20 -10.09
CA GLU B 447 1.65 32.06 -9.00
C GLU B 447 0.23 32.39 -9.49
N GLN B 448 -0.73 31.49 -9.24
CA GLN B 448 -2.11 31.68 -9.65
C GLN B 448 -3.06 32.21 -8.58
N TYR B 449 -2.71 32.05 -7.31
CA TYR B 449 -3.54 32.48 -6.18
C TYR B 449 -2.64 33.16 -5.19
N LYS B 450 -3.08 34.30 -4.70
CA LYS B 450 -2.35 35.03 -3.66
C LYS B 450 -2.43 34.26 -2.35
N MET B 451 -1.32 34.23 -1.61
CA MET B 451 -1.30 33.52 -0.33
C MET B 451 -2.39 34.00 0.64
N GLU B 452 -2.69 35.30 0.63
CA GLU B 452 -3.65 35.87 1.57
C GLU B 452 -5.07 35.50 1.27
N ASP B 453 -5.41 35.37 0.00
CA ASP B 453 -6.72 34.84 -0.38
C ASP B 453 -6.87 33.37 0.07
N LEU B 454 -5.81 32.56 -0.06
CA LEU B 454 -5.86 31.18 0.41
C LEU B 454 -5.97 31.08 1.92
N ILE B 455 -5.16 31.86 2.63
CA ILE B 455 -5.30 31.94 4.09
C ILE B 455 -6.71 32.34 4.51
N GLN B 456 -7.32 33.31 3.85
CA GLN B 456 -8.65 33.77 4.20
C GLN B 456 -9.67 32.66 3.96
N VAL B 457 -9.53 31.94 2.84
CA VAL B 457 -10.44 30.84 2.50
C VAL B 457 -10.34 29.76 3.60
N TYR B 458 -9.12 29.40 3.96
CA TYR B 458 -8.92 28.39 4.99
C TYR B 458 -9.53 28.81 6.33
N ASP B 459 -9.23 30.04 6.77
CA ASP B 459 -9.71 30.56 8.06
C ASP B 459 -11.23 30.66 8.11
N GLN B 460 -11.85 31.06 7.01
CA GLN B 460 -13.30 31.13 6.91
C GLN B 460 -14.01 29.78 6.73
N PHE B 461 -13.26 28.68 6.64
CA PHE B 461 -13.87 27.36 6.43
C PHE B 461 -14.16 26.76 7.82
N THR B 462 -15.43 26.76 8.20
CA THR B 462 -15.82 26.38 9.55
C THR B 462 -17.02 25.46 9.54
N LEU B 463 -17.14 24.67 10.61
CA LEU B 463 -18.18 23.67 10.75
C LEU B 463 -19.49 24.36 11.08
N ALA B 464 -20.45 24.26 10.17
CA ALA B 464 -21.81 24.73 10.39
C ALA B 464 -22.60 23.77 11.25
N LEU B 465 -23.42 24.29 12.15
CA LEU B 465 -24.41 23.47 12.83
C LEU B 465 -25.60 23.22 11.91
N SER B 466 -25.86 21.97 11.57
CA SER B 466 -27.14 21.58 11.03
C SER B 466 -27.70 20.50 11.92
N LEU B 467 -28.97 20.64 12.33
CA LEU B 467 -29.69 19.56 12.99
C LEU B 467 -30.20 18.51 12.01
N SER B 468 -30.20 18.84 10.73
CA SER B 468 -30.69 17.94 9.68
C SER B 468 -29.65 16.88 9.33
N SER B 469 -30.10 15.83 8.66
CA SER B 469 -29.26 14.70 8.25
C SER B 469 -28.33 15.05 7.08
#